data_6SZM
#
_entry.id   6SZM
#
_cell.length_a   127.338
_cell.length_b   84.432
_cell.length_c   88.136
_cell.angle_alpha   90.000
_cell.angle_beta   131.162
_cell.angle_gamma   90.000
#
_symmetry.space_group_name_H-M   'C 1 2 1'
#
loop_
_entity.id
_entity.type
_entity.pdbx_description
1 polymer 'Activin receptor type I'
2 non-polymer 1-[4-[4-methyl-5-(3,4,5-trimethoxyphenyl)pyridin-3-yl]phenyl]piperazine
3 non-polymer 'SULFATE ION'
4 non-polymer 1,2-ETHANEDIOL
5 non-polymer 'AMMONIUM ION'
6 non-polymer 'DIMETHYL SULFOXIDE'
7 water water
#
_entity_poly.entity_id   1
_entity_poly.type   'polypeptide(L)'
_entity_poly.pdbx_seq_one_letter_code
;SMQRTVARDITLLECVGKGRYGEVWRGSWQGENVAVKIFSSRDEKSWFRETELYNTVMLRHENILGFIASDMTSRHSSTQ
LWLITHYHEMGSLYDYLQLTTLDTVSCLRIVLSIASGLAHLHIEIFGTQGKPAIAHRDLKSKNILVKKNGQCCIADLGLA
VMHSQSTNQLDVGNNPRVGTKRYMAPEVLDETIQVDCFDSYKRVDIWAFGLVLWEVARRMVSNGIVEDYKPPFYDVVPND
PSFEDMRKVVCVDQQRPNIPNRWFSDPTLTSLAKLMKECWYQNPSARLTALRIKKTLTKID
;
_entity_poly.pdbx_strand_id   A,B
#
loop_
_chem_comp.id
_chem_comp.type
_chem_comp.name
_chem_comp.formula
DMS non-polymer 'DIMETHYL SULFOXIDE' 'C2 H6 O S'
EDO non-polymer 1,2-ETHANEDIOL 'C2 H6 O2'
M2Z non-polymer 1-[4-[4-methyl-5-(3,4,5-trimethoxyphenyl)pyridin-3-yl]phenyl]piperazine 'C25 H29 N3 O3'
NH4 non-polymer 'AMMONIUM ION' 'H4 N 1'
SO4 non-polymer 'SULFATE ION' 'O4 S -2'
#
# COMPACT_ATOMS: atom_id res chain seq x y z
N ARG A 4 2.78 -35.91 -22.33
CA ARG A 4 3.50 -34.75 -22.81
C ARG A 4 4.98 -34.80 -22.41
N THR A 5 5.79 -34.05 -23.13
CA THR A 5 7.22 -33.95 -22.87
C THR A 5 7.49 -32.82 -21.90
N VAL A 6 8.25 -33.12 -20.85
CA VAL A 6 8.65 -32.15 -19.86
C VAL A 6 10.14 -31.90 -20.07
N ALA A 7 10.46 -30.78 -20.73
CA ALA A 7 11.83 -30.41 -21.05
C ALA A 7 12.49 -29.82 -19.81
N ARG A 8 13.48 -30.53 -19.28
CA ARG A 8 14.18 -30.12 -18.07
C ARG A 8 15.64 -29.81 -18.33
N ASP A 9 16.16 -30.13 -19.51
CA ASP A 9 17.57 -29.85 -19.78
C ASP A 9 17.81 -28.35 -19.72
N ILE A 10 18.88 -27.94 -19.05
CA ILE A 10 19.34 -26.57 -19.04
C ILE A 10 20.79 -26.57 -19.51
N THR A 11 21.08 -25.80 -20.56
CA THR A 11 22.45 -25.69 -21.02
C THR A 11 23.18 -24.62 -20.20
N LEU A 12 24.22 -25.03 -19.48
CA LEU A 12 25.04 -24.12 -18.70
C LEU A 12 26.11 -23.53 -19.62
N LEU A 13 26.12 -22.20 -19.74
CA LEU A 13 26.92 -21.53 -20.75
C LEU A 13 28.13 -20.80 -20.21
N GLU A 14 27.99 -20.05 -19.11
CA GLU A 14 29.14 -19.37 -18.55
C GLU A 14 28.92 -19.19 -17.06
N CYS A 15 29.99 -19.40 -16.29
CA CYS A 15 29.92 -19.16 -14.86
C CYS A 15 30.08 -17.66 -14.61
N VAL A 16 29.10 -17.06 -13.95
CA VAL A 16 29.09 -15.63 -13.69
C VAL A 16 29.35 -15.31 -12.23
N GLY A 17 29.57 -16.31 -11.40
CA GLY A 17 29.88 -16.08 -10.01
C GLY A 17 30.29 -17.38 -9.34
N LYS A 18 31.22 -17.28 -8.40
CA LYS A 18 31.70 -18.42 -7.63
C LYS A 18 32.02 -17.92 -6.24
N GLY A 19 31.63 -18.68 -5.23
CA GLY A 19 31.95 -18.31 -3.87
C GLY A 19 31.73 -19.46 -2.93
N ARG A 20 31.75 -19.15 -1.62
CA ARG A 20 31.47 -20.19 -0.62
C ARG A 20 30.08 -20.81 -0.83
N TYR A 21 29.16 -20.04 -1.39
CA TYR A 21 27.79 -20.51 -1.61
C TYR A 21 27.70 -21.54 -2.73
N GLY A 22 28.73 -21.66 -3.55
CA GLY A 22 28.64 -22.47 -4.76
C GLY A 22 28.97 -21.64 -5.99
N GLU A 23 28.16 -21.78 -7.04
CA GLU A 23 28.39 -21.06 -8.28
C GLU A 23 27.05 -20.58 -8.85
N VAL A 24 27.12 -19.50 -9.63
CA VAL A 24 25.99 -19.09 -10.45
C VAL A 24 26.41 -19.13 -11.91
N TRP A 25 25.53 -19.67 -12.74
CA TRP A 25 25.76 -19.85 -14.16
C TRP A 25 24.68 -19.16 -14.97
N ARG A 26 25.08 -18.50 -16.05
CA ARG A 26 24.14 -18.18 -17.11
C ARG A 26 23.85 -19.46 -17.87
N GLY A 27 22.57 -19.79 -18.03
CA GLY A 27 22.16 -20.98 -18.73
C GLY A 27 21.06 -20.65 -19.72
N SER A 28 20.64 -21.69 -20.44
CA SER A 28 19.58 -21.55 -21.44
C SER A 28 18.58 -22.68 -21.28
N TRP A 29 17.30 -22.33 -21.29
CA TRP A 29 16.21 -23.30 -21.31
C TRP A 29 15.21 -22.85 -22.38
N GLN A 30 14.96 -23.73 -23.34
CA GLN A 30 14.00 -23.43 -24.40
C GLN A 30 14.31 -22.10 -25.07
N GLY A 31 15.60 -21.82 -25.25
CA GLY A 31 16.03 -20.63 -25.95
C GLY A 31 16.01 -19.36 -25.14
N GLU A 32 15.73 -19.43 -23.84
CA GLU A 32 15.64 -18.28 -22.96
C GLU A 32 16.79 -18.33 -21.98
N ASN A 33 17.38 -17.17 -21.68
CA ASN A 33 18.40 -17.13 -20.65
C ASN A 33 17.78 -17.38 -19.28
N VAL A 34 18.46 -18.19 -18.45
CA VAL A 34 18.13 -18.34 -17.05
C VAL A 34 19.42 -18.25 -16.25
N ALA A 35 19.28 -18.02 -14.95
CA ALA A 35 20.40 -18.09 -14.02
C ALA A 35 20.25 -19.35 -13.18
N VAL A 36 21.34 -20.07 -13.00
CA VAL A 36 21.31 -21.33 -12.25
C VAL A 36 22.31 -21.18 -11.11
N LYS A 37 21.81 -21.20 -9.88
CA LYS A 37 22.68 -21.21 -8.71
C LYS A 37 22.83 -22.66 -8.27
N ILE A 38 24.06 -23.14 -8.27
CA ILE A 38 24.41 -24.50 -7.86
C ILE A 38 25.01 -24.40 -6.48
N PHE A 39 24.33 -24.96 -5.49
CA PHE A 39 24.70 -24.76 -4.10
C PHE A 39 25.82 -25.68 -3.67
N SER A 40 26.78 -25.12 -2.92
CA SER A 40 27.79 -25.92 -2.25
C SER A 40 27.13 -26.75 -1.15
N SER A 41 27.84 -27.80 -0.73
CA SER A 41 27.32 -28.56 0.40
C SER A 41 27.21 -27.68 1.63
N ARG A 42 28.16 -26.77 1.80
CA ARG A 42 28.19 -25.90 2.98
C ARG A 42 26.97 -25.02 3.08
N ASP A 43 26.34 -24.66 1.95
CA ASP A 43 25.23 -23.72 1.96
C ASP A 43 23.89 -24.36 1.60
N GLU A 44 23.76 -25.68 1.82
CA GLU A 44 22.52 -26.34 1.44
C GLU A 44 21.32 -25.75 2.18
N LYS A 45 21.50 -25.23 3.40
CA LYS A 45 20.34 -24.69 4.10
C LYS A 45 19.72 -23.50 3.39
N SER A 46 20.52 -22.75 2.64
CA SER A 46 19.98 -21.63 1.88
C SER A 46 19.03 -22.08 0.79
N TRP A 47 19.34 -23.22 0.14
CA TRP A 47 18.42 -23.75 -0.85
C TRP A 47 17.13 -24.20 -0.18
N PHE A 48 17.24 -24.89 0.95
CA PHE A 48 16.03 -25.33 1.65
C PHE A 48 15.18 -24.14 2.11
N ARG A 49 15.81 -23.07 2.60
CA ARG A 49 15.04 -21.93 3.10
C ARG A 49 14.34 -21.20 1.96
N GLU A 50 15.05 -20.94 0.87
CA GLU A 50 14.43 -20.28 -0.27
C GLU A 50 13.32 -21.15 -0.88
N THR A 51 13.54 -22.47 -0.93
CA THR A 51 12.53 -23.37 -1.47
C THR A 51 11.32 -23.44 -0.55
N GLU A 52 11.53 -23.52 0.76
CA GLU A 52 10.38 -23.52 1.66
C GLU A 52 9.58 -22.23 1.53
N LEU A 53 10.28 -21.09 1.41
CA LEU A 53 9.58 -19.81 1.27
C LEU A 53 8.73 -19.79 0.00
N TYR A 54 9.31 -20.17 -1.13
CA TYR A 54 8.57 -20.11 -2.40
C TYR A 54 7.46 -21.13 -2.45
N ASN A 55 7.61 -22.26 -1.73
CA ASN A 55 6.52 -23.22 -1.60
C ASN A 55 5.39 -22.69 -0.74
N THR A 56 5.68 -21.72 0.14
CA THR A 56 4.67 -21.08 0.97
C THR A 56 4.00 -19.93 0.23
N VAL A 57 4.77 -19.09 -0.46
CA VAL A 57 4.25 -17.92 -1.16
C VAL A 57 5.06 -17.73 -2.44
N MET A 58 4.38 -17.73 -3.59
CA MET A 58 5.05 -17.54 -4.87
C MET A 58 5.18 -16.04 -5.11
N LEU A 59 6.27 -15.47 -4.61
CA LEU A 59 6.48 -14.04 -4.78
C LEU A 59 6.59 -13.69 -6.25
N ARG A 60 5.89 -12.64 -6.66
CA ARG A 60 6.00 -12.11 -8.01
C ARG A 60 6.01 -10.60 -7.93
N HIS A 61 7.17 -9.99 -8.18
CA HIS A 61 7.29 -8.54 -8.07
C HIS A 61 8.43 -8.12 -8.95
N GLU A 62 8.25 -6.98 -9.65
CA GLU A 62 9.26 -6.53 -10.61
C GLU A 62 10.60 -6.28 -9.95
N ASN A 63 10.63 -6.04 -8.63
CA ASN A 63 11.88 -5.73 -7.93
C ASN A 63 12.35 -6.87 -7.03
N ILE A 64 11.84 -8.08 -7.27
N ILE A 64 11.87 -8.09 -7.29
CA ILE A 64 12.30 -9.30 -6.62
CA ILE A 64 12.32 -9.28 -6.59
C ILE A 64 12.75 -10.24 -7.73
C ILE A 64 12.71 -10.30 -7.65
N LEU A 65 13.96 -10.78 -7.59
CA LEU A 65 14.48 -11.71 -8.60
C LEU A 65 13.49 -12.83 -8.85
N GLY A 66 13.16 -13.03 -10.13
CA GLY A 66 12.05 -13.91 -10.47
C GLY A 66 12.37 -15.39 -10.39
N PHE A 67 11.59 -16.09 -9.58
CA PHE A 67 11.76 -17.53 -9.40
C PHE A 67 11.28 -18.31 -10.62
N ILE A 68 12.04 -19.33 -10.98
CA ILE A 68 11.63 -20.29 -12.00
C ILE A 68 11.51 -21.69 -11.43
N ALA A 69 12.54 -22.17 -10.74
CA ALA A 69 12.45 -23.52 -10.20
C ALA A 69 13.47 -23.78 -9.11
N SER A 70 13.14 -24.77 -8.27
CA SER A 70 14.08 -25.38 -7.33
C SER A 70 14.20 -26.84 -7.73
N ASP A 71 15.43 -27.33 -7.88
CA ASP A 71 15.69 -28.70 -8.29
C ASP A 71 16.63 -29.40 -7.32
N MET A 72 16.24 -30.58 -6.88
CA MET A 72 17.10 -31.50 -6.14
C MET A 72 17.25 -32.75 -6.99
N THR A 73 18.49 -33.14 -7.30
CA THR A 73 18.79 -34.29 -8.13
C THR A 73 19.68 -35.23 -7.34
N SER A 74 19.28 -36.50 -7.27
CA SER A 74 20.06 -37.51 -6.56
C SER A 74 21.30 -37.87 -7.35
N ARG A 75 22.42 -37.98 -6.65
CA ARG A 75 23.69 -38.37 -7.23
C ARG A 75 24.23 -39.56 -6.46
N HIS A 76 25.32 -40.13 -6.99
CA HIS A 76 25.99 -41.29 -6.42
C HIS A 76 26.01 -41.26 -4.90
N SER A 77 26.69 -40.28 -4.32
CA SER A 77 26.90 -40.20 -2.88
C SER A 77 26.55 -38.83 -2.33
N SER A 78 25.73 -38.07 -3.06
CA SER A 78 25.45 -36.70 -2.69
C SER A 78 24.15 -36.28 -3.38
N THR A 79 23.66 -35.13 -2.97
CA THR A 79 22.50 -34.50 -3.56
C THR A 79 22.93 -33.18 -4.17
N GLN A 80 22.44 -32.92 -5.38
CA GLN A 80 22.73 -31.70 -6.14
C GLN A 80 21.54 -30.78 -6.03
N LEU A 81 21.79 -29.51 -5.73
CA LEU A 81 20.74 -28.56 -5.47
C LEU A 81 20.92 -27.34 -6.37
N TRP A 82 19.91 -27.04 -7.18
CA TRP A 82 19.91 -25.88 -8.04
C TRP A 82 18.73 -24.98 -7.74
N LEU A 83 18.96 -23.68 -7.83
CA LEU A 83 17.91 -22.68 -7.84
C LEU A 83 18.00 -21.99 -9.20
N ILE A 84 16.87 -21.95 -9.91
CA ILE A 84 16.81 -21.40 -11.26
C ILE A 84 15.94 -20.15 -11.21
N THR A 85 16.48 -19.03 -11.71
CA THR A 85 15.77 -17.76 -11.72
C THR A 85 15.91 -17.09 -13.07
N HIS A 86 15.22 -15.95 -13.21
CA HIS A 86 15.47 -15.04 -14.32
C HIS A 86 16.94 -14.61 -14.32
N TYR A 87 17.42 -14.22 -15.49
CA TYR A 87 18.81 -13.84 -15.68
C TYR A 87 18.90 -12.36 -16.02
N HIS A 88 19.75 -11.63 -15.32
CA HIS A 88 19.92 -10.18 -15.53
C HIS A 88 21.32 -9.88 -15.99
N GLU A 89 21.46 -9.67 -17.30
CA GLU A 89 22.78 -9.66 -17.90
C GLU A 89 23.65 -8.51 -17.39
N MET A 90 23.07 -7.44 -16.87
CA MET A 90 23.89 -6.35 -16.35
C MET A 90 24.56 -6.67 -15.02
N GLY A 91 24.23 -7.79 -14.41
CA GLY A 91 24.90 -8.22 -13.20
C GLY A 91 24.41 -7.53 -11.95
N SER A 92 25.23 -7.60 -10.90
CA SER A 92 24.80 -7.06 -9.62
C SER A 92 25.06 -5.57 -9.55
N LEU A 93 24.34 -4.92 -8.65
CA LEU A 93 24.58 -3.51 -8.38
C LEU A 93 26.04 -3.27 -7.97
N TYR A 94 26.60 -4.16 -7.16
CA TYR A 94 28.00 -4.06 -6.78
C TYR A 94 28.91 -3.97 -8.02
N ASP A 95 28.69 -4.83 -9.01
N ASP A 95 28.67 -4.86 -8.99
CA ASP A 95 29.56 -4.76 -10.17
CA ASP A 95 29.44 -4.86 -10.22
C ASP A 95 29.23 -3.56 -11.04
C ASP A 95 29.21 -3.58 -11.02
N TYR A 96 27.95 -3.20 -11.15
CA TYR A 96 27.57 -2.11 -12.02
C TYR A 96 28.14 -0.78 -11.54
N LEU A 97 28.12 -0.57 -10.22
CA LEU A 97 28.57 0.71 -9.68
C LEU A 97 30.07 0.90 -9.84
N GLN A 98 30.82 -0.16 -10.08
CA GLN A 98 32.24 -0.03 -10.28
C GLN A 98 32.60 0.53 -11.64
N LEU A 99 31.74 0.37 -12.63
CA LEU A 99 32.09 0.78 -13.98
C LEU A 99 31.19 1.87 -14.54
N THR A 100 30.28 2.42 -13.74
CA THR A 100 29.51 3.54 -14.25
C THR A 100 29.15 4.52 -13.14
N THR A 101 29.03 5.79 -13.55
CA THR A 101 28.46 6.81 -12.70
C THR A 101 26.99 7.00 -13.08
N LEU A 102 26.29 7.75 -12.24
CA LEU A 102 24.85 7.90 -12.37
C LEU A 102 24.47 9.37 -12.46
N ASP A 103 23.38 9.62 -13.17
CA ASP A 103 22.72 10.92 -13.09
C ASP A 103 21.60 10.85 -12.04
N THR A 104 20.94 11.98 -11.84
CA THR A 104 19.93 12.06 -10.79
C THR A 104 18.79 11.09 -11.04
N VAL A 105 18.29 11.04 -12.28
CA VAL A 105 17.16 10.16 -12.56
C VAL A 105 17.53 8.69 -12.33
N SER A 106 18.73 8.29 -12.79
CA SER A 106 19.14 6.90 -12.67
C SER A 106 19.39 6.51 -11.22
N CYS A 107 19.99 7.41 -10.44
CA CYS A 107 20.22 7.15 -9.03
C CYS A 107 18.90 6.92 -8.31
N LEU A 108 17.95 7.85 -8.48
CA LEU A 108 16.67 7.71 -7.80
C LEU A 108 15.92 6.46 -8.26
N ARG A 109 15.99 6.16 -9.55
CA ARG A 109 15.28 4.98 -10.06
C ARG A 109 15.82 3.72 -9.41
N ILE A 110 17.14 3.62 -9.28
CA ILE A 110 17.76 2.48 -8.61
C ILE A 110 17.25 2.37 -7.17
N VAL A 111 17.41 3.43 -6.40
CA VAL A 111 17.12 3.30 -4.97
C VAL A 111 15.63 3.14 -4.71
N LEU A 112 14.77 3.80 -5.47
CA LEU A 112 13.34 3.60 -5.28
C LEU A 112 12.94 2.17 -5.63
N SER A 113 13.55 1.59 -6.67
CA SER A 113 13.21 0.22 -7.03
C SER A 113 13.64 -0.75 -5.94
N ILE A 114 14.78 -0.49 -5.30
CA ILE A 114 15.19 -1.35 -4.19
C ILE A 114 14.21 -1.21 -3.03
N ALA A 115 13.86 0.03 -2.67
CA ALA A 115 12.89 0.26 -1.62
C ALA A 115 11.56 -0.41 -1.93
N SER A 116 11.16 -0.42 -3.21
N SER A 116 11.16 -0.42 -3.21
CA SER A 116 9.91 -1.04 -3.60
CA SER A 116 9.90 -1.04 -3.58
C SER A 116 9.96 -2.55 -3.39
C SER A 116 9.96 -2.55 -3.38
N GLY A 117 11.05 -3.19 -3.81
CA GLY A 117 11.18 -4.61 -3.56
C GLY A 117 11.22 -4.91 -2.09
N LEU A 118 11.91 -4.08 -1.31
CA LEU A 118 12.05 -4.35 0.11
C LEU A 118 10.72 -4.17 0.83
N ALA A 119 9.98 -3.11 0.53
CA ALA A 119 8.66 -2.95 1.12
C ALA A 119 7.75 -4.10 0.75
N HIS A 120 7.84 -4.59 -0.48
CA HIS A 120 7.01 -5.74 -0.84
C HIS A 120 7.34 -6.94 0.04
N LEU A 121 8.63 -7.20 0.27
CA LEU A 121 8.98 -8.31 1.16
C LEU A 121 8.41 -8.09 2.55
N HIS A 122 8.60 -6.89 3.09
CA HIS A 122 8.25 -6.61 4.48
C HIS A 122 6.76 -6.65 4.78
N ILE A 123 5.90 -6.34 3.81
CA ILE A 123 4.49 -6.10 4.13
C ILE A 123 3.71 -7.42 4.13
N GLU A 124 2.89 -7.61 5.15
CA GLU A 124 1.94 -8.72 5.14
C GLU A 124 0.73 -8.29 4.32
N ILE A 125 0.31 -9.14 3.39
CA ILE A 125 -0.89 -8.90 2.58
C ILE A 125 -1.88 -10.02 2.92
N PHE A 126 -3.11 -9.63 3.22
CA PHE A 126 -4.13 -10.58 3.64
C PHE A 126 -4.99 -10.98 2.44
N GLY A 127 -5.78 -12.02 2.64
CA GLY A 127 -6.59 -12.56 1.57
C GLY A 127 -5.89 -13.70 0.87
N THR A 128 -6.48 -14.13 -0.25
CA THR A 128 -5.98 -15.35 -0.87
C THR A 128 -4.78 -15.12 -1.78
N GLN A 129 -4.69 -13.98 -2.47
CA GLN A 129 -3.44 -13.70 -3.18
C GLN A 129 -2.50 -12.84 -2.35
N GLY A 130 -2.46 -13.07 -1.05
CA GLY A 130 -1.61 -12.34 -0.13
C GLY A 130 -0.26 -12.99 0.06
N LYS A 131 0.41 -12.58 1.14
CA LYS A 131 1.74 -13.09 1.47
C LYS A 131 2.02 -12.82 2.93
N PRO A 132 2.81 -13.66 3.59
CA PRO A 132 3.34 -13.29 4.89
C PRO A 132 4.34 -12.14 4.75
N ALA A 133 4.57 -11.45 5.86
CA ALA A 133 5.70 -10.53 5.92
C ALA A 133 7.00 -11.33 5.87
N ILE A 134 8.00 -10.78 5.20
CA ILE A 134 9.29 -11.42 5.01
C ILE A 134 10.40 -10.41 5.28
N ALA A 135 11.43 -10.83 6.03
CA ALA A 135 12.68 -10.09 6.18
C ALA A 135 13.79 -10.83 5.46
N HIS A 136 14.66 -10.06 4.79
CA HIS A 136 15.67 -10.61 3.89
C HIS A 136 16.87 -11.14 4.63
N ARG A 137 17.44 -10.33 5.51
CA ARG A 137 18.51 -10.67 6.44
C ARG A 137 19.89 -10.74 5.80
N ASP A 138 20.02 -10.47 4.50
CA ASP A 138 21.35 -10.33 3.93
C ASP A 138 21.33 -9.33 2.78
N LEU A 139 20.72 -8.17 2.99
CA LEU A 139 20.66 -7.16 1.94
C LEU A 139 22.02 -6.48 1.80
N LYS A 140 22.48 -6.35 0.55
CA LYS A 140 23.77 -5.76 0.21
C LYS A 140 23.81 -5.62 -1.31
N SER A 141 24.77 -4.83 -1.80
CA SER A 141 24.79 -4.53 -3.22
C SER A 141 25.11 -5.74 -4.11
N LYS A 142 25.76 -6.77 -3.56
CA LYS A 142 25.95 -7.99 -4.33
C LYS A 142 24.67 -8.81 -4.44
N ASN A 143 23.66 -8.54 -3.60
CA ASN A 143 22.38 -9.25 -3.64
C ASN A 143 21.29 -8.42 -4.28
N ILE A 144 21.68 -7.44 -5.10
CA ILE A 144 20.77 -6.65 -5.91
C ILE A 144 21.26 -6.75 -7.34
N LEU A 145 20.34 -7.02 -8.26
CA LEU A 145 20.67 -7.11 -9.68
C LEU A 145 20.10 -5.90 -10.41
N VAL A 146 20.81 -5.47 -11.45
CA VAL A 146 20.41 -4.34 -12.27
C VAL A 146 19.73 -4.85 -13.54
N LYS A 147 18.56 -4.28 -13.85
CA LYS A 147 17.79 -4.64 -15.02
C LYS A 147 18.01 -3.60 -16.12
N LYS A 148 17.76 -4.03 -17.35
CA LYS A 148 17.99 -3.15 -18.49
C LYS A 148 17.17 -1.88 -18.42
N ASN A 149 16.00 -1.91 -17.77
CA ASN A 149 15.15 -0.72 -17.70
C ASN A 149 15.57 0.24 -16.61
N GLY A 150 16.69 0.00 -15.95
CA GLY A 150 17.20 0.90 -14.96
C GLY A 150 16.71 0.66 -13.55
N GLN A 151 15.75 -0.22 -13.36
CA GLN A 151 15.37 -0.64 -12.03
C GLN A 151 16.21 -1.83 -11.62
N CYS A 152 16.21 -2.12 -10.32
CA CYS A 152 16.90 -3.28 -9.76
C CYS A 152 15.88 -4.28 -9.22
N CYS A 153 16.40 -5.47 -8.89
CA CYS A 153 15.65 -6.49 -8.17
C CYS A 153 16.52 -7.07 -7.08
N ILE A 154 15.86 -7.41 -5.97
CA ILE A 154 16.51 -8.01 -4.80
C ILE A 154 16.60 -9.51 -4.99
N ALA A 155 17.76 -10.07 -4.68
CA ALA A 155 18.04 -11.49 -4.84
C ALA A 155 18.47 -12.12 -3.52
N ASP A 156 18.36 -13.45 -3.49
CA ASP A 156 18.92 -14.33 -2.45
C ASP A 156 18.10 -14.30 -1.15
N LEU A 157 17.09 -15.17 -1.07
CA LEU A 157 16.26 -15.27 0.11
C LEU A 157 16.69 -16.45 0.98
N GLY A 158 17.96 -16.85 0.87
CA GLY A 158 18.43 -18.02 1.59
C GLY A 158 18.48 -17.86 3.09
N LEU A 159 18.48 -16.62 3.58
CA LEU A 159 18.45 -16.33 5.01
C LEU A 159 17.12 -15.73 5.44
N ALA A 160 16.16 -15.63 4.52
CA ALA A 160 14.93 -14.90 4.78
C ALA A 160 14.11 -15.56 5.88
N VAL A 161 13.36 -14.74 6.60
CA VAL A 161 12.42 -15.21 7.61
C VAL A 161 11.03 -14.69 7.29
N MET A 162 10.02 -15.54 7.53
CA MET A 162 8.62 -15.22 7.29
C MET A 162 7.89 -15.04 8.62
N HIS A 163 6.91 -14.13 8.63
CA HIS A 163 6.01 -13.92 9.76
C HIS A 163 4.57 -13.75 9.30
N SER A 164 3.65 -14.46 9.94
CA SER A 164 2.22 -14.28 9.69
C SER A 164 1.44 -14.12 11.00
N ASN A 175 23.57 -23.64 12.84
CA ASN A 175 22.13 -23.85 13.01
C ASN A 175 21.35 -22.58 12.67
N PRO A 176 21.40 -21.55 13.52
CA PRO A 176 21.01 -20.21 13.07
C PRO A 176 22.21 -19.55 12.42
N ARG A 177 21.95 -18.82 11.34
CA ARG A 177 22.99 -18.23 10.52
C ARG A 177 22.93 -16.71 10.66
N VAL A 178 23.96 -16.05 10.12
CA VAL A 178 24.03 -14.59 10.12
C VAL A 178 24.31 -14.07 8.71
N GLY A 179 23.97 -12.81 8.51
CA GLY A 179 24.26 -12.14 7.25
C GLY A 179 25.71 -11.69 7.16
N THR A 180 25.96 -10.92 6.12
CA THR A 180 27.29 -10.38 5.82
C THR A 180 27.69 -9.40 6.91
N LYS A 181 28.87 -9.62 7.47
CA LYS A 181 29.27 -8.86 8.66
C LYS A 181 29.34 -7.37 8.37
N ARG A 182 29.90 -6.99 7.22
CA ARG A 182 30.05 -5.58 6.90
C ARG A 182 28.74 -4.82 6.99
N TYR A 183 27.61 -5.49 6.71
CA TYR A 183 26.31 -4.84 6.66
C TYR A 183 25.47 -5.08 7.90
N MET A 184 26.05 -5.68 8.94
CA MET A 184 25.25 -6.00 10.13
C MET A 184 24.91 -4.76 10.94
N ALA A 185 23.66 -4.71 11.41
CA ALA A 185 23.19 -3.62 12.24
C ALA A 185 23.79 -3.72 13.64
N PRO A 186 23.81 -2.60 14.37
CA PRO A 186 24.41 -2.60 15.72
C PRO A 186 23.86 -3.66 16.65
N GLU A 187 22.54 -3.86 16.62
CA GLU A 187 21.92 -4.80 17.55
C GLU A 187 22.27 -6.24 17.21
N VAL A 188 22.69 -6.52 15.97
CA VAL A 188 23.20 -7.85 15.66
C VAL A 188 24.60 -8.02 16.23
N LEU A 189 25.44 -7.01 16.04
CA LEU A 189 26.82 -7.04 16.49
C LEU A 189 26.94 -7.03 18.00
N ASP A 190 26.03 -6.37 18.72
CA ASP A 190 26.10 -6.35 20.17
C ASP A 190 25.15 -7.36 20.81
N GLU A 191 24.46 -8.16 19.99
CA GLU A 191 23.66 -9.28 20.45
C GLU A 191 22.50 -8.84 21.34
N THR A 192 22.01 -7.62 21.13
CA THR A 192 20.82 -7.13 21.81
C THR A 192 19.56 -7.28 20.96
N ILE A 193 19.68 -7.71 19.71
CA ILE A 193 18.52 -7.82 18.85
C ILE A 193 17.46 -8.67 19.53
N GLN A 194 16.21 -8.20 19.49
CA GLN A 194 15.11 -8.92 20.12
C GLN A 194 14.64 -10.00 19.14
N VAL A 195 15.22 -11.19 19.30
CA VAL A 195 15.06 -12.25 18.31
C VAL A 195 13.65 -12.82 18.25
N ASP A 196 12.80 -12.45 19.20
CA ASP A 196 11.41 -12.93 19.25
C ASP A 196 10.43 -11.97 18.59
N CYS A 197 10.90 -10.85 18.06
CA CYS A 197 10.07 -9.82 17.48
C CYS A 197 10.39 -9.77 15.99
N PHE A 198 9.41 -10.09 15.16
CA PHE A 198 9.68 -10.09 13.73
C PHE A 198 10.13 -8.72 13.25
N ASP A 199 9.58 -7.65 13.83
CA ASP A 199 9.94 -6.30 13.42
C ASP A 199 11.44 -6.07 13.54
N SER A 200 12.08 -6.76 14.47
CA SER A 200 13.53 -6.61 14.62
C SER A 200 14.25 -6.92 13.33
N TYR A 201 13.77 -7.94 12.60
CA TYR A 201 14.44 -8.35 11.37
C TYR A 201 14.22 -7.33 10.28
N LYS A 202 13.03 -6.74 10.23
N LYS A 202 13.03 -6.74 10.21
CA LYS A 202 12.78 -5.66 9.26
CA LYS A 202 12.80 -5.66 9.26
C LYS A 202 13.74 -4.50 9.51
C LYS A 202 13.78 -4.52 9.52
N ARG A 203 14.00 -4.17 10.78
CA ARG A 203 14.85 -3.04 11.11
C ARG A 203 16.32 -3.32 10.77
N VAL A 204 16.75 -4.57 10.85
CA VAL A 204 18.07 -4.98 10.38
C VAL A 204 18.17 -4.75 8.88
N ASP A 205 17.11 -5.07 8.14
CA ASP A 205 17.13 -4.84 6.69
C ASP A 205 17.25 -3.35 6.39
N ILE A 206 16.57 -2.51 7.16
CA ILE A 206 16.57 -1.07 6.90
C ILE A 206 17.98 -0.50 7.09
N TRP A 207 18.67 -0.91 8.15
CA TRP A 207 20.07 -0.53 8.33
C TRP A 207 20.89 -0.85 7.07
N ALA A 208 20.79 -2.08 6.59
CA ALA A 208 21.55 -2.49 5.41
C ALA A 208 21.13 -1.71 4.18
N PHE A 209 19.84 -1.44 4.04
CA PHE A 209 19.38 -0.61 2.93
C PHE A 209 20.03 0.76 2.97
N GLY A 210 20.14 1.36 4.15
CA GLY A 210 20.80 2.65 4.24
C GLY A 210 22.24 2.60 3.74
N LEU A 211 22.95 1.52 4.05
CA LEU A 211 24.31 1.37 3.52
C LEU A 211 24.33 1.25 2.01
N VAL A 212 23.37 0.51 1.45
CA VAL A 212 23.30 0.39 -0.01
C VAL A 212 22.99 1.76 -0.64
N LEU A 213 22.05 2.49 -0.04
CA LEU A 213 21.76 3.85 -0.50
C LEU A 213 23.04 4.69 -0.56
N TRP A 214 23.88 4.60 0.49
CA TRP A 214 25.14 5.34 0.50
C TRP A 214 26.05 4.89 -0.64
N GLU A 215 26.12 3.57 -0.90
CA GLU A 215 26.99 3.09 -1.95
C GLU A 215 26.58 3.66 -3.30
N VAL A 216 25.27 3.73 -3.54
CA VAL A 216 24.76 4.19 -4.81
C VAL A 216 24.94 5.70 -4.95
N ALA A 217 24.60 6.44 -3.89
CA ALA A 217 24.64 7.90 -3.93
C ALA A 217 26.03 8.42 -4.26
N ARG A 218 27.06 7.76 -3.73
CA ARG A 218 28.43 8.15 -4.00
C ARG A 218 28.72 8.20 -5.49
N ARG A 219 28.00 7.39 -6.28
CA ARG A 219 28.25 7.28 -7.69
C ARG A 219 27.42 8.24 -8.53
N MET A 220 26.56 9.04 -7.89
CA MET A 220 25.78 10.04 -8.61
C MET A 220 26.62 11.30 -8.76
N VAL A 221 26.74 11.78 -10.00
CA VAL A 221 27.53 12.97 -10.30
C VAL A 221 26.76 14.21 -9.89
N SER A 222 27.45 15.15 -9.25
CA SER A 222 26.91 16.49 -9.09
C SER A 222 28.06 17.49 -9.23
N ASN A 223 27.81 18.60 -9.90
N ASN A 223 27.79 18.56 -9.96
CA ASN A 223 28.82 19.66 -10.08
CA ASN A 223 28.75 19.65 -10.13
C ASN A 223 30.14 19.08 -10.59
C ASN A 223 30.10 19.09 -10.58
N GLY A 224 30.04 18.09 -11.47
CA GLY A 224 31.22 17.48 -12.05
C GLY A 224 32.03 16.62 -11.12
N ILE A 225 31.48 16.26 -9.96
CA ILE A 225 32.20 15.51 -8.94
C ILE A 225 31.48 14.19 -8.71
N VAL A 226 32.25 13.15 -8.42
CA VAL A 226 31.71 11.84 -8.04
C VAL A 226 32.72 11.18 -7.13
N GLU A 227 32.25 10.31 -6.26
CA GLU A 227 33.17 9.50 -5.48
C GLU A 227 33.40 8.17 -6.17
N ASP A 228 34.58 7.60 -5.94
CA ASP A 228 34.87 6.25 -6.39
C ASP A 228 33.95 5.26 -5.68
N TYR A 229 33.68 4.14 -6.35
CA TYR A 229 32.94 3.09 -5.69
C TYR A 229 33.75 2.59 -4.49
N LYS A 230 33.11 2.52 -3.33
CA LYS A 230 33.69 1.85 -2.17
C LYS A 230 32.58 1.14 -1.39
N PRO A 231 32.91 0.02 -0.76
CA PRO A 231 31.94 -0.65 0.10
C PRO A 231 31.77 0.09 1.42
N PRO A 232 30.64 -0.09 2.11
CA PRO A 232 30.48 0.56 3.40
C PRO A 232 31.62 0.22 4.36
N PHE A 233 32.09 1.23 5.08
CA PHE A 233 33.13 1.09 6.10
C PHE A 233 34.49 0.74 5.54
N TYR A 234 34.69 1.02 4.26
CA TYR A 234 35.95 0.74 3.59
C TYR A 234 37.13 1.42 4.26
N ASP A 235 36.89 2.53 4.94
CA ASP A 235 37.95 3.34 5.52
C ASP A 235 38.25 2.99 6.96
N VAL A 236 37.51 2.06 7.55
CA VAL A 236 37.69 1.78 8.97
C VAL A 236 37.81 0.30 9.34
N VAL A 237 37.58 -0.60 8.39
CA VAL A 237 37.74 -2.03 8.64
C VAL A 237 38.48 -2.66 7.48
N PRO A 238 39.13 -3.81 7.71
CA PRO A 238 39.81 -4.51 6.63
C PRO A 238 38.82 -5.22 5.71
N ASN A 239 39.38 -5.75 4.61
CA ASN A 239 38.64 -6.74 3.83
C ASN A 239 38.30 -7.91 4.73
N ASP A 240 37.16 -8.53 4.49
CA ASP A 240 36.68 -9.64 5.30
C ASP A 240 36.74 -9.26 6.79
N PRO A 241 36.09 -8.18 7.17
CA PRO A 241 36.19 -7.72 8.55
C PRO A 241 35.64 -8.75 9.52
N SER A 242 36.28 -8.86 10.67
CA SER A 242 35.78 -9.76 11.69
C SER A 242 34.54 -9.16 12.39
N PHE A 243 33.82 -10.04 13.07
CA PHE A 243 32.71 -9.61 13.90
C PHE A 243 33.17 -8.51 14.87
N GLU A 244 34.31 -8.72 15.52
CA GLU A 244 34.81 -7.74 16.47
C GLU A 244 35.18 -6.44 15.79
N ASP A 245 35.81 -6.51 14.61
CA ASP A 245 36.13 -5.29 13.88
C ASP A 245 34.88 -4.45 13.68
N MET A 246 33.79 -5.09 13.21
CA MET A 246 32.54 -4.40 12.96
C MET A 246 31.92 -3.89 14.25
N ARG A 247 31.95 -4.70 15.30
CA ARG A 247 31.33 -4.27 16.55
C ARG A 247 32.00 -3.02 17.08
N LYS A 248 33.32 -2.95 17.00
CA LYS A 248 34.02 -1.77 17.51
CA LYS A 248 34.02 -1.77 17.51
C LYS A 248 33.61 -0.53 16.73
N VAL A 249 33.50 -0.64 15.42
CA VAL A 249 33.16 0.51 14.59
C VAL A 249 31.72 0.93 14.84
N VAL A 250 30.79 -0.02 14.74
CA VAL A 250 29.37 0.30 14.66
C VAL A 250 28.74 0.46 16.02
N CYS A 251 29.15 -0.34 16.99
CA CYS A 251 28.54 -0.31 18.31
C CYS A 251 29.35 0.51 19.30
N VAL A 252 30.65 0.23 19.43
CA VAL A 252 31.43 0.89 20.47
C VAL A 252 31.66 2.35 20.12
N ASP A 253 32.18 2.62 18.93
CA ASP A 253 32.45 3.98 18.49
C ASP A 253 31.28 4.64 17.79
N GLN A 254 30.26 3.88 17.41
CA GLN A 254 29.04 4.42 16.79
C GLN A 254 29.35 5.21 15.53
N GLN A 255 30.32 4.73 14.76
CA GLN A 255 30.63 5.37 13.49
C GLN A 255 29.57 5.05 12.43
N ARG A 256 29.44 5.95 11.46
CA ARG A 256 28.54 5.80 10.33
C ARG A 256 29.28 6.26 9.08
N PRO A 257 28.87 5.78 7.91
CA PRO A 257 29.52 6.20 6.66
C PRO A 257 29.57 7.72 6.53
N ASN A 258 30.68 8.23 6.00
N ASN A 258 30.68 8.21 5.96
CA ASN A 258 30.85 9.67 5.86
CA ASN A 258 30.89 9.64 5.74
C ASN A 258 30.05 10.21 4.67
C ASN A 258 29.98 10.17 4.65
N ILE A 259 29.45 11.38 4.88
CA ILE A 259 28.71 12.10 3.85
C ILE A 259 29.64 13.20 3.31
N PRO A 260 30.05 13.13 2.05
CA PRO A 260 30.96 14.17 1.53
C PRO A 260 30.29 15.53 1.47
N ASN A 261 31.11 16.56 1.65
CA ASN A 261 30.64 17.93 1.56
C ASN A 261 29.90 18.20 0.26
N ARG A 262 30.40 17.66 -0.85
CA ARG A 262 29.82 18.04 -2.16
C ARG A 262 28.36 17.63 -2.27
N TRP A 263 27.90 16.65 -1.47
CA TRP A 263 26.50 16.28 -1.55
C TRP A 263 25.60 17.43 -1.13
N PHE A 264 26.08 18.32 -0.26
CA PHE A 264 25.26 19.39 0.29
C PHE A 264 25.08 20.56 -0.66
N SER A 265 25.74 20.54 -1.80
CA SER A 265 25.41 21.47 -2.88
C SER A 265 24.34 20.93 -3.84
N ASP A 266 23.94 19.68 -3.69
CA ASP A 266 22.99 19.05 -4.60
C ASP A 266 21.72 18.69 -3.85
N PRO A 267 20.55 19.14 -4.31
CA PRO A 267 19.33 18.90 -3.52
C PRO A 267 19.00 17.43 -3.39
N THR A 268 19.26 16.63 -4.42
CA THR A 268 18.95 15.20 -4.35
C THR A 268 19.83 14.52 -3.31
N LEU A 269 21.14 14.73 -3.40
CA LEU A 269 22.04 14.08 -2.47
C LEU A 269 21.86 14.57 -1.03
N THR A 270 21.49 15.85 -0.86
CA THR A 270 21.15 16.35 0.47
C THR A 270 19.97 15.56 1.04
N SER A 271 18.93 15.34 0.23
CA SER A 271 17.78 14.58 0.70
C SER A 271 18.16 13.13 0.95
N LEU A 272 19.00 12.54 0.08
CA LEU A 272 19.36 11.14 0.29
C LEU A 272 20.23 10.99 1.54
N ALA A 273 21.06 11.98 1.85
CA ALA A 273 21.86 11.92 3.08
C ALA A 273 20.95 11.89 4.31
N LYS A 274 19.89 12.69 4.31
CA LYS A 274 18.96 12.69 5.43
C LYS A 274 18.29 11.34 5.55
N LEU A 275 17.93 10.74 4.41
CA LEU A 275 17.29 9.44 4.41
C LEU A 275 18.22 8.38 4.99
N MET A 276 19.47 8.36 4.54
CA MET A 276 20.45 7.41 5.07
C MET A 276 20.52 7.50 6.58
N LYS A 277 20.65 8.72 7.09
CA LYS A 277 20.80 8.93 8.52
C LYS A 277 19.64 8.31 9.27
N GLU A 278 18.43 8.41 8.70
N GLU A 278 18.43 8.41 8.70
CA GLU A 278 17.25 7.87 9.36
CA GLU A 278 17.24 7.88 9.33
C GLU A 278 17.14 6.36 9.23
C GLU A 278 17.11 6.37 9.20
N CYS A 279 18.01 5.72 8.46
CA CYS A 279 18.14 4.26 8.46
C CYS A 279 19.18 3.77 9.46
N TRP A 280 19.97 4.67 10.03
CA TRP A 280 21.19 4.29 10.77
C TRP A 280 21.12 4.62 12.25
N TYR A 281 19.97 4.98 12.77
CA TYR A 281 19.88 5.18 14.20
C TYR A 281 20.30 3.93 14.96
N GLN A 282 21.00 4.15 16.07
CA GLN A 282 21.34 3.05 16.96
C GLN A 282 20.08 2.32 17.45
N ASN A 283 19.05 3.06 17.86
CA ASN A 283 17.79 2.50 18.33
C ASN A 283 17.03 1.97 17.12
N PRO A 284 16.86 0.65 17.00
CA PRO A 284 16.22 0.12 15.79
C PRO A 284 14.81 0.65 15.57
N SER A 285 14.06 0.92 16.66
CA SER A 285 12.68 1.35 16.51
C SER A 285 12.56 2.76 15.99
N ALA A 286 13.67 3.53 15.99
CA ALA A 286 13.67 4.88 15.45
C ALA A 286 13.85 4.90 13.94
N ARG A 287 14.32 3.82 13.35
CA ARG A 287 14.58 3.81 11.92
C ARG A 287 13.28 3.92 11.11
N LEU A 288 13.39 4.51 9.93
CA LEU A 288 12.26 4.57 9.02
C LEU A 288 11.86 3.17 8.59
N THR A 289 10.61 3.04 8.18
CA THR A 289 10.11 1.82 7.56
C THR A 289 10.35 1.88 6.06
N ALA A 290 10.31 0.71 5.41
CA ALA A 290 10.48 0.66 3.96
C ALA A 290 9.41 1.49 3.26
N LEU A 291 8.16 1.42 3.75
CA LEU A 291 7.09 2.21 3.13
C LEU A 291 7.36 3.71 3.27
N ARG A 292 7.88 4.14 4.41
CA ARG A 292 8.14 5.56 4.56
C ARG A 292 9.31 5.99 3.67
N ILE A 293 10.30 5.11 3.50
CA ILE A 293 11.40 5.40 2.59
C ILE A 293 10.88 5.58 1.17
N LYS A 294 9.99 4.68 0.72
CA LYS A 294 9.43 4.81 -0.62
C LYS A 294 8.76 6.16 -0.79
N LYS A 295 7.91 6.54 0.17
CA LYS A 295 7.22 7.82 0.04
C LYS A 295 8.24 8.96 -0.06
N THR A 296 9.23 8.96 0.83
CA THR A 296 10.22 10.03 0.80
C THR A 296 10.92 10.09 -0.54
N LEU A 297 11.26 8.93 -1.10
CA LEU A 297 11.91 8.88 -2.40
C LEU A 297 11.01 9.39 -3.52
N THR A 298 9.70 9.15 -3.45
CA THR A 298 8.86 9.64 -4.53
C THR A 298 8.73 11.16 -4.51
N LYS A 299 9.09 11.80 -3.40
CA LYS A 299 8.98 13.25 -3.29
C LYS A 299 10.31 13.93 -3.54
N ILE A 300 11.38 13.18 -3.70
CA ILE A 300 12.67 13.78 -4.03
C ILE A 300 12.70 14.01 -5.53
N ASP A 301 12.97 15.26 -5.92
CA ASP A 301 12.99 15.69 -7.32
C ASP A 301 11.59 15.65 -7.93
N ALA B 7 -44.87 -10.11 12.35
CA ALA B 7 -44.77 -10.17 10.89
C ALA B 7 -43.33 -9.97 10.42
N ARG B 8 -42.56 -11.06 10.48
CA ARG B 8 -41.14 -11.03 10.15
C ARG B 8 -40.82 -11.55 8.75
N ASP B 9 -41.78 -12.21 8.08
CA ASP B 9 -41.45 -12.85 6.82
C ASP B 9 -41.11 -11.83 5.75
N ILE B 10 -40.22 -12.23 4.84
CA ILE B 10 -39.77 -11.40 3.73
C ILE B 10 -39.86 -12.23 2.45
N THR B 11 -40.25 -11.58 1.36
CA THR B 11 -40.27 -12.18 0.03
C THR B 11 -39.24 -11.46 -0.85
N LEU B 12 -38.32 -12.24 -1.42
CA LEU B 12 -37.32 -11.70 -2.33
C LEU B 12 -37.92 -11.62 -3.73
N LEU B 13 -37.90 -10.44 -4.33
CA LEU B 13 -38.61 -10.23 -5.59
C LEU B 13 -37.71 -10.00 -6.79
N GLU B 14 -36.62 -9.26 -6.65
CA GLU B 14 -35.72 -9.06 -7.78
C GLU B 14 -34.32 -8.72 -7.29
N CYS B 15 -33.33 -9.27 -7.98
CA CYS B 15 -31.94 -8.94 -7.69
C CYS B 15 -31.62 -7.61 -8.35
N VAL B 16 -31.19 -6.64 -7.53
CA VAL B 16 -30.83 -5.30 -8.00
C VAL B 16 -29.34 -5.07 -7.99
N GLY B 17 -28.55 -6.08 -7.64
CA GLY B 17 -27.12 -5.93 -7.58
C GLY B 17 -26.45 -7.25 -7.24
N LYS B 18 -25.34 -7.53 -7.91
CA LYS B 18 -24.59 -8.74 -7.64
C LYS B 18 -23.13 -8.46 -7.91
N GLY B 19 -22.27 -8.88 -7.00
CA GLY B 19 -20.85 -8.64 -7.13
C GLY B 19 -20.07 -9.44 -6.12
N ARG B 20 -18.81 -9.04 -5.91
CA ARG B 20 -17.96 -9.76 -4.95
C ARG B 20 -18.53 -9.66 -3.55
N TYR B 21 -19.26 -8.58 -3.26
CA TYR B 21 -19.86 -8.37 -1.95
C TYR B 21 -20.95 -9.38 -1.66
N GLY B 22 -21.48 -10.02 -2.68
CA GLY B 22 -22.69 -10.78 -2.52
C GLY B 22 -23.77 -10.32 -3.48
N GLU B 23 -24.99 -10.15 -2.97
CA GLU B 23 -26.12 -9.76 -3.79
C GLU B 23 -27.02 -8.85 -2.99
N VAL B 24 -27.70 -7.94 -3.67
CA VAL B 24 -28.76 -7.16 -3.04
C VAL B 24 -30.05 -7.42 -3.80
N TRP B 25 -31.12 -7.65 -3.05
CA TRP B 25 -32.43 -7.93 -3.60
C TRP B 25 -33.43 -6.87 -3.14
N ARG B 26 -34.33 -6.51 -4.03
CA ARG B 26 -35.55 -5.85 -3.61
C ARG B 26 -36.49 -6.93 -3.09
N GLY B 27 -37.02 -6.72 -1.88
CA GLY B 27 -37.95 -7.66 -1.27
C GLY B 27 -39.17 -6.93 -0.75
N SER B 28 -40.11 -7.72 -0.26
CA SER B 28 -41.32 -7.20 0.37
C SER B 28 -41.38 -7.68 1.82
N TRP B 29 -41.70 -6.75 2.72
CA TRP B 29 -41.75 -7.02 4.16
C TRP B 29 -42.82 -6.11 4.72
N GLN B 30 -43.78 -6.68 5.43
CA GLN B 30 -44.84 -5.90 6.06
C GLN B 30 -45.46 -4.93 5.06
N GLY B 31 -45.64 -5.40 3.82
CA GLY B 31 -46.25 -4.61 2.77
C GLY B 31 -45.39 -3.52 2.20
N GLU B 32 -44.11 -3.46 2.56
CA GLU B 32 -43.20 -2.41 2.15
C GLU B 32 -42.06 -3.01 1.33
N ASN B 33 -41.49 -2.22 0.43
CA ASN B 33 -40.24 -2.63 -0.22
C ASN B 33 -39.13 -2.55 0.82
N VAL B 34 -38.26 -3.56 0.82
CA VAL B 34 -37.04 -3.54 1.60
C VAL B 34 -35.89 -3.97 0.70
N ALA B 35 -34.68 -3.60 1.10
CA ALA B 35 -33.46 -4.08 0.45
C ALA B 35 -32.88 -5.18 1.31
N VAL B 36 -32.54 -6.30 0.69
CA VAL B 36 -31.98 -7.45 1.40
C VAL B 36 -30.62 -7.75 0.79
N LYS B 37 -29.56 -7.54 1.56
CA LYS B 37 -28.21 -7.87 1.14
C LYS B 37 -27.83 -9.22 1.71
N ILE B 38 -27.37 -10.11 0.83
CA ILE B 38 -26.88 -11.44 1.18
C ILE B 38 -25.38 -11.43 0.92
N PHE B 39 -24.59 -11.54 1.99
CA PHE B 39 -23.16 -11.33 1.89
C PHE B 39 -22.48 -12.57 1.33
N SER B 40 -21.43 -12.33 0.55
CA SER B 40 -20.50 -13.38 0.17
C SER B 40 -19.75 -13.88 1.40
N SER B 41 -19.40 -15.17 1.38
CA SER B 41 -18.56 -15.70 2.45
C SER B 41 -17.28 -14.90 2.57
N ARG B 42 -16.74 -14.45 1.44
CA ARG B 42 -15.51 -13.67 1.42
C ARG B 42 -15.64 -12.38 2.20
N ASP B 43 -16.86 -11.90 2.43
CA ASP B 43 -17.09 -10.62 3.11
C ASP B 43 -17.77 -10.80 4.47
N GLU B 44 -17.63 -11.97 5.09
CA GLU B 44 -18.33 -12.24 6.35
C GLU B 44 -17.92 -11.27 7.45
N LYS B 45 -16.67 -10.80 7.46
CA LYS B 45 -16.26 -9.85 8.49
C LYS B 45 -16.94 -8.49 8.30
N SER B 46 -17.22 -8.10 7.05
CA SER B 46 -17.99 -6.89 6.82
C SER B 46 -19.40 -7.01 7.40
N TRP B 47 -20.04 -8.18 7.24
CA TRP B 47 -21.38 -8.35 7.77
C TRP B 47 -21.36 -8.11 9.28
N PHE B 48 -20.38 -8.68 9.97
CA PHE B 48 -20.36 -8.56 11.42
C PHE B 48 -20.10 -7.11 11.85
N ARG B 49 -19.18 -6.45 11.16
CA ARG B 49 -18.85 -5.07 11.49
C ARG B 49 -20.05 -4.15 11.27
N GLU B 50 -20.73 -4.32 10.13
CA GLU B 50 -21.92 -3.52 9.86
C GLU B 50 -22.99 -3.77 10.92
N THR B 51 -23.13 -5.01 11.38
CA THR B 51 -24.07 -5.33 12.43
C THR B 51 -23.70 -4.64 13.74
N GLU B 52 -22.42 -4.63 14.09
CA GLU B 52 -21.97 -3.88 15.26
C GLU B 52 -22.31 -2.39 15.12
N LEU B 53 -22.09 -1.82 13.95
CA LEU B 53 -22.35 -0.40 13.74
C LEU B 53 -23.83 -0.08 13.91
N TYR B 54 -24.70 -0.91 13.30
CA TYR B 54 -26.13 -0.64 13.38
C TYR B 54 -26.72 -0.90 14.74
N ASN B 55 -25.96 -1.51 15.67
CA ASN B 55 -26.39 -1.60 17.06
C ASN B 55 -26.36 -0.25 17.76
N THR B 56 -25.76 0.76 17.15
CA THR B 56 -25.66 2.10 17.72
C THR B 56 -27.01 2.80 17.54
N VAL B 57 -27.75 3.02 18.62
CA VAL B 57 -29.11 3.51 18.43
C VAL B 57 -29.12 4.96 17.91
N MET B 58 -28.17 5.79 18.34
CA MET B 58 -28.11 7.18 17.84
C MET B 58 -27.45 7.31 16.47
N LEU B 59 -27.12 6.19 15.81
CA LEU B 59 -26.65 6.27 14.43
C LEU B 59 -27.74 6.77 13.48
N ARG B 60 -29.00 6.51 13.81
CA ARG B 60 -30.09 6.80 12.89
C ARG B 60 -30.09 8.28 12.48
N HIS B 61 -30.27 8.51 11.19
CA HIS B 61 -30.16 9.84 10.62
C HIS B 61 -30.75 9.80 9.20
N GLU B 62 -31.35 10.92 8.79
CA GLU B 62 -32.02 10.92 7.49
C GLU B 62 -31.05 10.65 6.34
N ASN B 63 -29.75 10.91 6.52
CA ASN B 63 -28.77 10.75 5.47
C ASN B 63 -27.85 9.54 5.71
N ILE B 64 -28.31 8.59 6.51
N ILE B 64 -28.31 8.58 6.50
CA ILE B 64 -27.66 7.30 6.69
CA ILE B 64 -27.63 7.30 6.67
C ILE B 64 -28.69 6.22 6.38
C ILE B 64 -28.66 6.20 6.41
N LEU B 65 -28.28 5.21 5.60
CA LEU B 65 -29.23 4.16 5.23
C LEU B 65 -29.81 3.51 6.48
N GLY B 66 -31.13 3.41 6.50
CA GLY B 66 -31.85 2.94 7.68
C GLY B 66 -31.91 1.42 7.79
N PHE B 67 -31.55 0.92 8.95
CA PHE B 67 -31.46 -0.49 9.26
C PHE B 67 -32.81 -1.04 9.71
N ILE B 68 -33.13 -2.24 9.25
CA ILE B 68 -34.30 -2.97 9.73
C ILE B 68 -33.91 -4.21 10.55
N ALA B 69 -33.01 -5.02 10.01
CA ALA B 69 -32.61 -6.23 10.71
C ALA B 69 -31.31 -6.75 10.14
N SER B 70 -30.64 -7.59 10.93
CA SER B 70 -29.44 -8.28 10.51
C SER B 70 -29.57 -9.71 11.00
N ASP B 71 -29.18 -10.68 10.17
CA ASP B 71 -29.28 -12.07 10.56
C ASP B 71 -28.11 -12.89 10.06
N MET B 72 -27.69 -13.84 10.89
CA MET B 72 -26.83 -14.93 10.49
C MET B 72 -27.61 -16.23 10.69
N THR B 73 -27.74 -17.02 9.63
CA THR B 73 -28.50 -18.26 9.69
C THR B 73 -27.63 -19.41 9.22
N SER B 74 -27.83 -20.59 9.81
CA SER B 74 -27.06 -21.74 9.35
C SER B 74 -27.77 -23.05 9.68
N ARG B 75 -27.60 -24.01 8.77
CA ARG B 75 -27.89 -25.40 9.04
C ARG B 75 -26.72 -26.19 8.47
N HIS B 76 -26.29 -27.22 9.19
CA HIS B 76 -25.11 -27.98 8.76
C HIS B 76 -23.94 -27.02 8.52
N SER B 77 -23.23 -27.11 7.41
CA SER B 77 -22.01 -26.33 7.23
C SER B 77 -22.22 -25.10 6.37
N SER B 78 -23.47 -24.72 6.10
CA SER B 78 -23.78 -23.58 5.25
C SER B 78 -24.28 -22.44 6.13
N THR B 79 -23.73 -21.24 5.93
CA THR B 79 -24.15 -20.05 6.64
C THR B 79 -24.58 -18.98 5.65
N GLN B 80 -25.67 -18.30 5.96
CA GLN B 80 -26.11 -17.13 5.20
C GLN B 80 -26.06 -15.92 6.10
N LEU B 81 -25.68 -14.78 5.51
CA LEU B 81 -25.53 -13.51 6.22
C LEU B 81 -26.40 -12.47 5.52
N TRP B 82 -27.30 -11.86 6.27
CA TRP B 82 -28.37 -11.02 5.75
C TRP B 82 -28.32 -9.66 6.41
N LEU B 83 -28.50 -8.61 5.61
CA LEU B 83 -28.75 -7.27 6.11
C LEU B 83 -29.99 -6.74 5.40
N ILE B 84 -30.98 -6.32 6.19
CA ILE B 84 -32.25 -5.83 5.67
C ILE B 84 -32.34 -4.35 6.01
N THR B 85 -32.54 -3.52 4.99
CA THR B 85 -32.63 -2.07 5.14
C THR B 85 -33.85 -1.54 4.40
N HIS B 86 -34.10 -0.25 4.58
CA HIS B 86 -35.04 0.43 3.70
C HIS B 86 -34.53 0.41 2.27
N TYR B 87 -35.47 0.53 1.34
CA TYR B 87 -35.21 0.38 -0.09
C TYR B 87 -35.34 1.74 -0.74
N HIS B 88 -34.37 2.09 -1.57
CA HIS B 88 -34.37 3.37 -2.31
C HIS B 88 -34.41 3.08 -3.80
N GLU B 89 -35.60 3.24 -4.40
CA GLU B 89 -35.84 2.75 -5.75
C GLU B 89 -35.05 3.52 -6.80
N MET B 90 -34.58 4.73 -6.49
CA MET B 90 -33.74 5.50 -7.41
C MET B 90 -32.30 5.00 -7.45
N GLY B 91 -31.97 4.01 -6.61
CA GLY B 91 -30.66 3.40 -6.69
C GLY B 91 -29.54 4.27 -6.14
N SER B 92 -28.32 4.00 -6.59
CA SER B 92 -27.17 4.71 -6.05
C SER B 92 -26.91 5.99 -6.83
N LEU B 93 -26.19 6.90 -6.17
CA LEU B 93 -25.77 8.13 -6.82
C LEU B 93 -24.96 7.85 -8.08
N TYR B 94 -24.14 6.80 -8.05
CA TYR B 94 -23.39 6.38 -9.23
C TYR B 94 -24.31 6.07 -10.41
N ASP B 95 -25.40 5.35 -10.14
CA ASP B 95 -26.40 5.06 -11.17
C ASP B 95 -27.10 6.34 -11.62
N TYR B 96 -27.51 7.15 -10.65
CA TYR B 96 -28.37 8.31 -10.93
C TYR B 96 -27.64 9.35 -11.77
N LEU B 97 -26.35 9.58 -11.48
CA LEU B 97 -25.62 10.59 -12.21
C LEU B 97 -25.38 10.23 -13.66
N GLN B 98 -25.52 8.95 -14.01
CA GLN B 98 -25.36 8.58 -15.41
C GLN B 98 -26.61 8.87 -16.22
N LEU B 99 -27.72 9.16 -15.55
CA LEU B 99 -29.03 9.18 -16.17
C LEU B 99 -29.61 10.57 -16.25
N THR B 100 -29.05 11.53 -15.49
CA THR B 100 -29.60 12.86 -15.47
C THR B 100 -28.48 13.87 -15.22
N THR B 101 -28.71 15.07 -15.69
CA THR B 101 -27.95 16.24 -15.26
C THR B 101 -28.68 16.92 -14.12
N LEU B 102 -28.00 17.88 -13.50
CA LEU B 102 -28.47 18.53 -12.28
C LEU B 102 -28.54 20.04 -12.49
N ASP B 103 -29.49 20.69 -11.82
CA ASP B 103 -29.45 22.12 -11.67
C ASP B 103 -28.75 22.49 -10.36
N THR B 104 -28.62 23.79 -10.11
CA THR B 104 -27.89 24.24 -8.93
C THR B 104 -28.54 23.73 -7.65
N VAL B 105 -29.86 23.87 -7.54
CA VAL B 105 -30.56 23.47 -6.33
C VAL B 105 -30.35 21.99 -6.08
N SER B 106 -30.49 21.17 -7.12
N SER B 106 -30.50 21.16 -7.12
CA SER B 106 -30.39 19.73 -6.95
CA SER B 106 -30.41 19.72 -6.92
C SER B 106 -28.97 19.31 -6.62
C SER B 106 -28.96 19.29 -6.63
N CYS B 107 -27.99 19.89 -7.30
CA CYS B 107 -26.59 19.60 -7.00
C CYS B 107 -26.26 19.88 -5.54
N LEU B 108 -26.59 21.08 -5.07
CA LEU B 108 -26.30 21.45 -3.68
C LEU B 108 -27.08 20.59 -2.69
N ARG B 109 -28.33 20.27 -2.99
CA ARG B 109 -29.10 19.41 -2.10
C ARG B 109 -28.43 18.05 -1.94
N ILE B 110 -27.97 17.47 -3.06
CA ILE B 110 -27.27 16.18 -3.00
C ILE B 110 -26.02 16.30 -2.12
N VAL B 111 -25.14 17.24 -2.46
CA VAL B 111 -23.83 17.26 -1.79
C VAL B 111 -23.95 17.68 -0.33
N LEU B 112 -24.85 18.61 -0.02
CA LEU B 112 -25.09 18.96 1.38
C LEU B 112 -25.65 17.79 2.16
N SER B 113 -26.56 17.01 1.56
CA SER B 113 -27.09 15.86 2.30
C SER B 113 -26.00 14.84 2.61
N ILE B 114 -25.08 14.61 1.67
CA ILE B 114 -23.97 13.70 1.93
C ILE B 114 -23.08 14.25 3.02
N ALA B 115 -22.78 15.55 2.98
CA ALA B 115 -21.97 16.16 4.03
C ALA B 115 -22.65 16.05 5.38
N SER B 116 -23.99 16.18 5.42
N SER B 116 -23.98 16.17 5.41
CA SER B 116 -24.71 16.06 6.67
CA SER B 116 -24.74 16.06 6.65
C SER B 116 -24.61 14.64 7.22
C SER B 116 -24.64 14.64 7.22
N GLY B 117 -24.77 13.64 6.36
CA GLY B 117 -24.63 12.27 6.83
C GLY B 117 -23.22 12.00 7.32
N LEU B 118 -22.22 12.52 6.61
CA LEU B 118 -20.84 12.24 6.98
C LEU B 118 -20.48 12.94 8.28
N ALA B 119 -20.91 14.21 8.44
CA ALA B 119 -20.69 14.90 9.70
C ALA B 119 -21.36 14.17 10.86
N HIS B 120 -22.58 13.66 10.63
CA HIS B 120 -23.24 12.86 11.65
C HIS B 120 -22.43 11.62 12.02
N LEU B 121 -21.88 10.92 11.03
CA LEU B 121 -21.00 9.80 11.35
C LEU B 121 -19.79 10.27 12.16
N HIS B 122 -19.11 11.29 11.67
CA HIS B 122 -17.81 11.63 12.23
C HIS B 122 -17.91 12.20 13.63
N ILE B 123 -19.01 12.86 13.98
CA ILE B 123 -19.07 13.64 15.21
C ILE B 123 -19.59 12.75 16.34
N GLU B 124 -18.78 12.64 17.39
CA GLU B 124 -19.20 11.93 18.58
C GLU B 124 -20.29 12.73 19.27
N ILE B 125 -21.32 12.03 19.73
CA ILE B 125 -22.34 12.64 20.57
C ILE B 125 -22.08 12.21 22.00
N PHE B 126 -21.84 13.19 22.86
CA PHE B 126 -21.35 12.94 24.21
C PHE B 126 -22.46 12.76 25.23
N GLY B 127 -23.70 12.61 24.77
CA GLY B 127 -24.82 12.45 25.65
C GLY B 127 -24.94 11.05 26.21
N THR B 128 -26.12 10.77 26.74
CA THR B 128 -26.48 9.47 27.26
C THR B 128 -27.04 8.64 26.12
N GLN B 129 -26.73 7.35 26.09
CA GLN B 129 -27.20 6.50 25.02
C GLN B 129 -26.80 7.09 23.67
N GLY B 130 -25.60 7.66 23.61
CA GLY B 130 -25.21 8.47 22.47
C GLY B 130 -24.60 7.70 21.33
N LYS B 131 -23.59 8.27 20.69
CA LYS B 131 -22.91 7.56 19.62
C LYS B 131 -21.43 7.88 19.56
N PRO B 132 -20.59 6.89 19.30
CA PRO B 132 -19.18 7.17 19.05
C PRO B 132 -19.01 7.92 17.75
N ALA B 133 -17.85 8.55 17.62
CA ALA B 133 -17.39 9.01 16.32
C ALA B 133 -17.18 7.79 15.42
N ILE B 134 -17.53 7.94 14.15
CA ILE B 134 -17.47 6.84 13.19
C ILE B 134 -16.82 7.36 11.91
N ALA B 135 -15.81 6.63 11.41
CA ALA B 135 -15.26 6.85 10.08
C ALA B 135 -15.71 5.70 9.17
N HIS B 136 -16.10 6.03 7.96
CA HIS B 136 -16.73 5.09 7.04
C HIS B 136 -15.74 4.17 6.34
N ARG B 137 -14.70 4.75 5.73
CA ARG B 137 -13.57 4.10 5.08
C ARG B 137 -13.86 3.52 3.70
N ASP B 138 -15.08 3.64 3.19
CA ASP B 138 -15.34 3.23 1.81
C ASP B 138 -16.40 4.12 1.19
N LEU B 139 -16.25 5.43 1.35
CA LEU B 139 -17.20 6.36 0.79
C LEU B 139 -16.98 6.46 -0.72
N LYS B 140 -18.09 6.37 -1.48
CA LYS B 140 -18.02 6.45 -2.93
C LYS B 140 -19.44 6.55 -3.43
N SER B 141 -19.60 6.92 -4.72
CA SER B 141 -20.95 7.17 -5.21
C SER B 141 -21.82 5.92 -5.29
N LYS B 142 -21.22 4.73 -5.36
CA LYS B 142 -22.02 3.51 -5.32
C LYS B 142 -22.52 3.20 -3.90
N ASN B 143 -21.90 3.81 -2.89
CA ASN B 143 -22.32 3.61 -1.51
C ASN B 143 -23.13 4.78 -0.99
N ILE B 144 -23.74 5.53 -1.90
CA ILE B 144 -24.64 6.61 -1.57
C ILE B 144 -25.91 6.36 -2.36
N LEU B 145 -27.05 6.36 -1.67
CA LEU B 145 -28.34 6.13 -2.31
C LEU B 145 -29.11 7.44 -2.44
N VAL B 146 -29.87 7.55 -3.53
CA VAL B 146 -30.65 8.74 -3.82
C VAL B 146 -32.08 8.51 -3.35
N LYS B 147 -32.62 9.49 -2.63
CA LYS B 147 -33.98 9.47 -2.11
C LYS B 147 -34.89 10.36 -2.96
N LYS B 148 -36.18 10.07 -2.90
CA LYS B 148 -37.16 10.80 -3.71
C LYS B 148 -37.27 12.26 -3.32
N ASN B 149 -36.86 12.64 -2.11
CA ASN B 149 -36.86 14.04 -1.72
C ASN B 149 -35.63 14.81 -2.21
N GLY B 150 -34.75 14.18 -2.98
CA GLY B 150 -33.60 14.82 -3.56
C GLY B 150 -32.36 14.82 -2.70
N GLN B 151 -32.48 14.37 -1.46
CA GLN B 151 -31.34 14.11 -0.63
C GLN B 151 -30.87 12.68 -0.80
N CYS B 152 -29.69 12.39 -0.28
CA CYS B 152 -29.07 11.08 -0.36
C CYS B 152 -28.89 10.51 1.04
N CYS B 153 -28.53 9.23 1.09
CA CYS B 153 -28.10 8.62 2.33
C CYS B 153 -26.89 7.73 2.09
N ILE B 154 -26.03 7.70 3.08
CA ILE B 154 -24.79 6.94 3.00
C ILE B 154 -25.04 5.52 3.46
N ALA B 155 -24.44 4.56 2.75
CA ALA B 155 -24.64 3.14 2.99
C ALA B 155 -23.30 2.44 3.09
N ASP B 156 -23.36 1.21 3.62
CA ASP B 156 -22.26 0.24 3.70
C ASP B 156 -21.27 0.61 4.79
N LEU B 157 -21.57 0.17 6.01
CA LEU B 157 -20.74 0.44 7.17
C LEU B 157 -19.81 -0.72 7.53
N GLY B 158 -19.56 -1.64 6.60
CA GLY B 158 -18.79 -2.83 6.87
C GLY B 158 -17.32 -2.60 7.11
N LEU B 159 -16.79 -1.43 6.79
CA LEU B 159 -15.39 -1.13 7.04
C LEU B 159 -15.22 -0.06 8.08
N ALA B 160 -16.32 0.35 8.72
CA ALA B 160 -16.29 1.52 9.56
C ALA B 160 -15.48 1.27 10.84
N VAL B 161 -14.90 2.34 11.36
CA VAL B 161 -14.17 2.30 12.62
C VAL B 161 -14.83 3.28 13.58
N MET B 162 -14.80 2.95 14.87
CA MET B 162 -15.47 3.75 15.89
C MET B 162 -14.48 4.21 16.94
N HIS B 163 -14.75 5.39 17.49
CA HIS B 163 -13.85 5.97 18.49
C HIS B 163 -14.68 6.78 19.48
N SER B 164 -14.39 6.63 20.75
CA SER B 164 -14.98 7.50 21.76
C SER B 164 -13.87 8.23 22.49
N GLN B 165 -13.85 9.56 22.34
CA GLN B 165 -12.89 10.35 23.10
C GLN B 165 -13.28 10.40 24.59
N SER B 166 -14.58 10.24 24.88
CA SER B 166 -15.09 10.31 26.25
C SER B 166 -14.54 9.18 27.10
N THR B 167 -14.27 8.02 26.51
CA THR B 167 -13.72 6.88 27.25
C THR B 167 -12.35 6.44 26.73
N ASN B 168 -11.79 7.12 25.74
CA ASN B 168 -10.46 6.80 25.24
C ASN B 168 -10.42 5.40 24.66
N GLN B 169 -11.36 5.14 23.75
CA GLN B 169 -11.47 3.82 23.14
C GLN B 169 -11.54 3.92 21.64
N LEU B 170 -10.75 3.11 20.94
CA LEU B 170 -10.73 3.10 19.47
C LEU B 170 -10.96 1.67 19.01
N ASP B 171 -12.06 1.46 18.28
CA ASP B 171 -12.48 0.13 17.83
C ASP B 171 -12.34 0.07 16.30
N VAL B 172 -11.27 -0.57 15.84
CA VAL B 172 -11.01 -0.68 14.40
C VAL B 172 -11.52 -1.97 13.79
N GLY B 173 -11.99 -2.93 14.59
CA GLY B 173 -12.33 -4.21 14.02
C GLY B 173 -11.09 -4.92 13.51
N ASN B 174 -11.33 -6.04 12.82
CA ASN B 174 -10.25 -6.85 12.26
C ASN B 174 -10.48 -7.18 10.78
N ASN B 175 -11.35 -6.45 10.12
CA ASN B 175 -11.75 -6.76 8.76
C ASN B 175 -10.59 -6.48 7.81
N PRO B 176 -10.08 -7.49 7.09
CA PRO B 176 -8.96 -7.26 6.16
C PRO B 176 -9.35 -6.59 4.85
N ARG B 177 -10.65 -6.40 4.60
CA ARG B 177 -11.08 -5.63 3.44
C ARG B 177 -10.44 -4.25 3.46
N VAL B 178 -10.17 -3.71 2.27
CA VAL B 178 -9.69 -2.34 2.11
C VAL B 178 -10.71 -1.59 1.27
N GLY B 179 -10.63 -0.28 1.32
CA GLY B 179 -11.53 0.55 0.56
C GLY B 179 -11.40 0.37 -0.95
N THR B 180 -12.37 0.96 -1.64
CA THR B 180 -12.40 0.90 -3.10
C THR B 180 -11.20 1.65 -3.66
N LYS B 181 -10.45 0.99 -4.56
CA LYS B 181 -9.14 1.49 -4.96
C LYS B 181 -9.22 2.90 -5.54
N ARG B 182 -10.19 3.15 -6.40
CA ARG B 182 -10.28 4.45 -7.08
C ARG B 182 -10.38 5.61 -6.11
N TYR B 183 -10.93 5.37 -4.91
CA TYR B 183 -11.24 6.43 -3.96
C TYR B 183 -10.23 6.48 -2.80
N MET B 184 -9.18 5.69 -2.84
CA MET B 184 -8.26 5.60 -1.72
C MET B 184 -7.38 6.85 -1.65
N ALA B 185 -7.23 7.39 -0.44
CA ALA B 185 -6.41 8.55 -0.23
C ALA B 185 -4.92 8.22 -0.42
N PRO B 186 -4.10 9.23 -0.65
CA PRO B 186 -2.67 8.96 -0.85
C PRO B 186 -2.04 8.10 0.24
N GLU B 187 -2.38 8.37 1.51
CA GLU B 187 -1.77 7.68 2.64
C GLU B 187 -2.29 6.25 2.78
N VAL B 188 -3.43 5.95 2.16
CA VAL B 188 -3.87 4.56 2.07
C VAL B 188 -3.10 3.85 0.96
N LEU B 189 -2.94 4.53 -0.18
CA LEU B 189 -2.25 3.91 -1.31
C LEU B 189 -0.76 3.74 -1.07
N ASP B 190 -0.15 4.63 -0.30
CA ASP B 190 1.26 4.49 0.03
C ASP B 190 1.46 3.81 1.38
N GLU B 191 0.36 3.43 2.02
CA GLU B 191 0.36 2.63 3.25
C GLU B 191 1.12 3.29 4.39
N THR B 192 1.24 4.62 4.36
CA THR B 192 1.82 5.36 5.47
C THR B 192 0.78 5.86 6.46
N ILE B 193 -0.50 5.64 6.21
CA ILE B 193 -1.55 6.13 7.12
C ILE B 193 -1.26 5.67 8.54
N GLN B 194 -1.56 6.57 9.49
CA GLN B 194 -1.29 6.28 10.90
C GLN B 194 -2.45 5.50 11.47
N VAL B 195 -2.30 4.18 11.55
CA VAL B 195 -3.40 3.26 11.85
C VAL B 195 -3.91 3.38 13.27
N ASP B 196 -3.17 4.05 14.15
CA ASP B 196 -3.49 4.21 15.55
C ASP B 196 -4.27 5.48 15.86
N CYS B 197 -4.51 6.30 14.85
CA CYS B 197 -5.01 7.66 15.01
C CYS B 197 -6.38 7.72 14.35
N PHE B 198 -7.41 7.89 15.18
CA PHE B 198 -8.76 7.89 14.60
C PHE B 198 -8.91 9.00 13.58
N ASP B 199 -8.30 10.15 13.83
CA ASP B 199 -8.43 11.26 12.88
C ASP B 199 -7.94 10.88 11.49
N SER B 200 -6.97 9.97 11.42
CA SER B 200 -6.52 9.50 10.11
C SER B 200 -7.68 8.96 9.29
N TYR B 201 -8.58 8.20 9.91
CA TYR B 201 -9.66 7.58 9.16
C TYR B 201 -10.69 8.61 8.72
N LYS B 202 -10.95 9.62 9.57
CA LYS B 202 -11.86 10.68 9.13
C LYS B 202 -11.29 11.38 7.90
N ARG B 203 -9.96 11.56 7.88
CA ARG B 203 -9.34 12.31 6.79
C ARG B 203 -9.35 11.52 5.48
N VAL B 204 -9.35 10.19 5.57
CA VAL B 204 -9.55 9.35 4.39
C VAL B 204 -10.94 9.53 3.81
N ASP B 205 -11.93 9.66 4.70
CA ASP B 205 -13.30 9.91 4.26
C ASP B 205 -13.40 11.25 3.56
N ILE B 206 -12.69 12.27 4.06
CA ILE B 206 -12.78 13.59 3.47
C ILE B 206 -12.22 13.57 2.04
N TRP B 207 -11.07 12.89 1.84
CA TRP B 207 -10.52 12.70 0.50
C TRP B 207 -11.57 12.12 -0.44
N ALA B 208 -12.19 11.01 -0.03
CA ALA B 208 -13.20 10.37 -0.87
C ALA B 208 -14.40 11.30 -1.09
N PHE B 209 -14.81 12.04 -0.07
CA PHE B 209 -15.93 12.97 -0.25
C PHE B 209 -15.60 14.00 -1.32
N GLY B 210 -14.37 14.51 -1.32
CA GLY B 210 -13.97 15.43 -2.37
C GLY B 210 -14.14 14.84 -3.76
N LEU B 211 -13.78 13.55 -3.91
CA LEU B 211 -13.96 12.88 -5.20
C LEU B 211 -15.44 12.78 -5.56
N VAL B 212 -16.30 12.48 -4.59
CA VAL B 212 -17.73 12.41 -4.86
C VAL B 212 -18.26 13.79 -5.24
N LEU B 213 -17.79 14.85 -4.57
CA LEU B 213 -18.20 16.20 -4.91
C LEU B 213 -17.87 16.50 -6.35
N TRP B 214 -16.68 16.09 -6.80
CA TRP B 214 -16.27 16.28 -8.19
C TRP B 214 -17.17 15.51 -9.15
N GLU B 215 -17.51 14.26 -8.80
CA GLU B 215 -18.36 13.46 -9.67
C GLU B 215 -19.72 14.12 -9.88
N VAL B 216 -20.28 14.67 -8.80
CA VAL B 216 -21.59 15.29 -8.85
C VAL B 216 -21.53 16.62 -9.60
N ALA B 217 -20.54 17.45 -9.27
CA ALA B 217 -20.46 18.78 -9.84
C ALA B 217 -20.33 18.74 -11.35
N ARG B 218 -19.63 17.73 -11.88
CA ARG B 218 -19.50 17.60 -13.33
C ARG B 218 -20.85 17.52 -14.01
N ARG B 219 -21.87 17.00 -13.31
CA ARG B 219 -23.21 16.80 -13.85
C ARG B 219 -24.14 17.98 -13.63
N MET B 220 -23.66 19.05 -12.99
CA MET B 220 -24.44 20.27 -12.83
C MET B 220 -24.26 21.15 -14.06
N VAL B 221 -25.36 21.51 -14.73
CA VAL B 221 -25.27 22.35 -15.92
C VAL B 221 -24.94 23.78 -15.54
N SER B 222 -24.08 24.41 -16.30
CA SER B 222 -23.93 25.86 -16.22
C SER B 222 -23.71 26.39 -17.63
N ASN B 223 -24.41 27.47 -17.97
CA ASN B 223 -24.22 28.15 -19.24
C ASN B 223 -24.31 27.17 -20.41
N GLY B 224 -25.24 26.22 -20.30
CA GLY B 224 -25.49 25.26 -21.36
C GLY B 224 -24.44 24.19 -21.52
N ILE B 225 -23.54 24.05 -20.57
CA ILE B 225 -22.44 23.08 -20.65
C ILE B 225 -22.57 22.12 -19.47
N VAL B 226 -22.24 20.86 -19.71
CA VAL B 226 -22.13 19.86 -18.66
C VAL B 226 -21.11 18.83 -19.09
N GLU B 227 -20.50 18.17 -18.12
CA GLU B 227 -19.57 17.10 -18.44
C GLU B 227 -20.30 15.77 -18.37
N ASP B 228 -19.80 14.80 -19.14
CA ASP B 228 -20.32 13.45 -19.05
C ASP B 228 -19.98 12.87 -17.69
N TYR B 229 -20.78 11.90 -17.24
CA TYR B 229 -20.41 11.20 -16.02
C TYR B 229 -19.09 10.46 -16.25
N LYS B 230 -18.16 10.64 -15.32
CA LYS B 230 -16.94 9.83 -15.27
C LYS B 230 -16.60 9.56 -13.81
N PRO B 231 -16.04 8.38 -13.52
CA PRO B 231 -15.52 8.11 -12.18
C PRO B 231 -14.20 8.81 -11.95
N PRO B 232 -13.82 9.01 -10.69
CA PRO B 232 -12.52 9.65 -10.43
C PRO B 232 -11.37 8.94 -11.11
N PHE B 233 -10.47 9.72 -11.70
CA PHE B 233 -9.24 9.24 -12.32
C PHE B 233 -9.48 8.43 -13.59
N TYR B 234 -10.67 8.56 -14.19
CA TYR B 234 -11.03 7.80 -15.39
C TYR B 234 -10.03 7.97 -16.52
N ASP B 235 -9.38 9.13 -16.60
CA ASP B 235 -8.54 9.46 -17.73
C ASP B 235 -7.10 9.03 -17.57
N VAL B 236 -6.69 8.58 -16.37
CA VAL B 236 -5.27 8.38 -16.09
C VAL B 236 -4.90 6.97 -15.67
N VAL B 237 -5.86 6.09 -15.41
CA VAL B 237 -5.55 4.72 -15.01
C VAL B 237 -6.22 3.76 -15.98
N PRO B 238 -5.74 2.52 -16.02
CA PRO B 238 -6.43 1.49 -16.83
C PRO B 238 -7.82 1.21 -16.28
N ASN B 239 -8.66 0.62 -17.13
CA ASN B 239 -9.92 0.10 -16.63
C ASN B 239 -9.65 -0.92 -15.52
N ASP B 240 -10.57 -1.01 -14.57
CA ASP B 240 -10.43 -1.94 -13.44
C ASP B 240 -9.09 -1.72 -12.76
N PRO B 241 -8.78 -0.49 -12.35
CA PRO B 241 -7.43 -0.19 -11.86
C PRO B 241 -7.06 -0.99 -10.62
N SER B 242 -5.80 -1.40 -10.57
CA SER B 242 -5.23 -2.05 -9.41
C SER B 242 -4.83 -1.03 -8.34
N PHE B 243 -4.56 -1.55 -7.15
CA PHE B 243 -3.99 -0.74 -6.08
C PHE B 243 -2.75 -0.01 -6.57
N GLU B 244 -1.84 -0.71 -7.25
CA GLU B 244 -0.61 -0.06 -7.71
C GLU B 244 -0.90 0.95 -8.80
N ASP B 245 -1.90 0.69 -9.66
CA ASP B 245 -2.25 1.70 -10.66
C ASP B 245 -2.67 3.00 -10.00
N MET B 246 -3.49 2.91 -8.95
CA MET B 246 -3.95 4.09 -8.23
C MET B 246 -2.80 4.77 -7.51
N ARG B 247 -1.93 3.98 -6.87
CA ARG B 247 -0.78 4.57 -6.20
C ARG B 247 0.06 5.37 -7.18
N LYS B 248 0.25 4.85 -8.40
CA LYS B 248 1.02 5.57 -9.40
C LYS B 248 0.46 6.96 -9.61
N VAL B 249 -0.84 7.08 -9.88
CA VAL B 249 -1.35 8.39 -10.29
C VAL B 249 -1.49 9.31 -9.10
N VAL B 250 -1.93 8.80 -7.96
CA VAL B 250 -2.20 9.65 -6.80
C VAL B 250 -0.92 9.99 -6.05
N CYS B 251 -0.04 9.02 -5.86
CA CYS B 251 1.14 9.19 -5.02
C CYS B 251 2.37 9.60 -5.82
N VAL B 252 2.65 8.91 -6.93
CA VAL B 252 3.86 9.19 -7.69
C VAL B 252 3.67 10.43 -8.57
N ASP B 253 2.56 10.45 -9.31
CA ASP B 253 2.29 11.52 -10.28
C ASP B 253 1.59 12.72 -9.63
N GLN B 254 1.14 12.57 -8.38
CA GLN B 254 0.45 13.64 -7.64
C GLN B 254 -0.76 14.17 -8.38
N GLN B 255 -1.52 13.27 -9.00
CA GLN B 255 -2.67 13.70 -9.77
C GLN B 255 -3.86 13.94 -8.85
N ARG B 256 -4.66 14.92 -9.23
CA ARG B 256 -5.97 15.17 -8.67
C ARG B 256 -6.94 15.37 -9.82
N PRO B 257 -8.23 15.13 -9.59
CA PRO B 257 -9.20 15.35 -10.68
C PRO B 257 -9.08 16.77 -11.22
N ASN B 258 -9.17 16.90 -12.54
CA ASN B 258 -9.10 18.21 -13.17
C ASN B 258 -10.40 18.98 -12.98
N ILE B 259 -10.28 20.28 -12.80
CA ILE B 259 -11.45 21.17 -12.73
C ILE B 259 -11.73 21.67 -14.13
N PRO B 260 -12.89 21.34 -14.72
CA PRO B 260 -13.23 21.92 -16.02
C PRO B 260 -13.25 23.44 -15.95
N ASN B 261 -12.65 24.08 -16.95
CA ASN B 261 -12.56 25.54 -16.91
C ASN B 261 -13.93 26.22 -16.98
N ARG B 262 -14.96 25.57 -17.53
CA ARG B 262 -16.29 26.17 -17.54
C ARG B 262 -16.85 26.40 -16.15
N TRP B 263 -16.37 25.66 -15.14
CA TRP B 263 -16.91 25.86 -13.80
C TRP B 263 -16.61 27.26 -13.30
N PHE B 264 -15.52 27.88 -13.77
CA PHE B 264 -15.09 29.14 -13.19
C PHE B 264 -15.98 30.31 -13.61
N SER B 265 -16.88 30.11 -14.57
CA SER B 265 -17.87 31.11 -14.94
C SER B 265 -19.12 31.05 -14.06
N ASP B 266 -19.28 29.98 -13.28
CA ASP B 266 -20.44 29.78 -12.41
C ASP B 266 -20.04 29.92 -10.94
N PRO B 267 -20.71 30.78 -10.18
CA PRO B 267 -20.27 31.00 -8.78
C PRO B 267 -20.37 29.75 -7.93
N THR B 268 -21.41 28.95 -8.13
CA THR B 268 -21.58 27.74 -7.34
C THR B 268 -20.46 26.76 -7.61
N LEU B 269 -20.18 26.48 -8.89
CA LEU B 269 -19.16 25.50 -9.22
C LEU B 269 -17.78 26.03 -8.85
N THR B 270 -17.59 27.34 -8.92
CA THR B 270 -16.32 27.92 -8.47
C THR B 270 -16.12 27.65 -6.97
N SER B 271 -17.18 27.84 -6.18
CA SER B 271 -17.09 27.54 -4.75
C SER B 271 -16.89 26.05 -4.49
N LEU B 272 -17.57 25.18 -5.27
CA LEU B 272 -17.39 23.75 -5.09
C LEU B 272 -15.97 23.30 -5.43
N ALA B 273 -15.39 23.85 -6.49
CA ALA B 273 -14.02 23.51 -6.85
C ALA B 273 -13.05 23.88 -5.74
N LYS B 274 -13.26 25.03 -5.10
CA LYS B 274 -12.42 25.39 -3.97
C LYS B 274 -12.58 24.39 -2.82
N LEU B 275 -13.81 23.98 -2.57
CA LEU B 275 -14.08 23.03 -1.48
C LEU B 275 -13.43 21.68 -1.76
N MET B 276 -13.62 21.15 -2.97
CA MET B 276 -13.05 19.84 -3.24
C MET B 276 -11.52 19.89 -3.20
N LYS B 277 -10.91 21.00 -3.61
CA LYS B 277 -9.46 21.10 -3.49
C LYS B 277 -8.98 21.02 -2.04
N GLU B 278 -9.77 21.53 -1.10
N GLU B 278 -9.78 21.53 -1.11
CA GLU B 278 -9.38 21.46 0.30
CA GLU B 278 -9.47 21.51 0.32
C GLU B 278 -9.64 20.10 0.91
C GLU B 278 -9.75 20.14 0.94
N CYS B 279 -10.27 19.19 0.16
CA CYS B 279 -10.35 17.79 0.53
C CYS B 279 -9.16 16.96 0.06
N TRP B 280 -8.32 17.49 -0.81
CA TRP B 280 -7.36 16.71 -1.59
C TRP B 280 -5.91 17.02 -1.27
N TYR B 281 -5.63 17.78 -0.21
CA TYR B 281 -4.25 17.98 0.19
C TYR B 281 -3.60 16.63 0.49
N GLN B 282 -2.34 16.45 0.04
CA GLN B 282 -1.60 15.26 0.42
C GLN B 282 -1.46 15.17 1.93
N ASN B 283 -1.17 16.28 2.59
CA ASN B 283 -1.09 16.30 4.06
C ASN B 283 -2.48 16.08 4.65
N PRO B 284 -2.76 14.92 5.24
CA PRO B 284 -4.15 14.67 5.68
C PRO B 284 -4.67 15.72 6.65
N SER B 285 -3.81 16.22 7.53
CA SER B 285 -4.25 17.15 8.56
C SER B 285 -4.62 18.51 8.01
N ALA B 286 -4.30 18.79 6.75
CA ALA B 286 -4.68 20.04 6.12
C ALA B 286 -6.09 20.02 5.57
N ARG B 287 -6.67 18.84 5.40
CA ARG B 287 -8.00 18.72 4.81
C ARG B 287 -9.06 19.29 5.75
N LEU B 288 -10.12 19.80 5.15
CA LEU B 288 -11.26 20.27 5.92
C LEU B 288 -11.91 19.13 6.68
N THR B 289 -12.62 19.48 7.75
CA THR B 289 -13.45 18.54 8.47
C THR B 289 -14.83 18.42 7.82
N ALA B 290 -15.53 17.33 8.15
CA ALA B 290 -16.87 17.11 7.62
C ALA B 290 -17.81 18.23 8.07
N LEU B 291 -17.66 18.66 9.32
CA LEU B 291 -18.48 19.77 9.82
C LEU B 291 -18.24 21.05 9.02
N ARG B 292 -16.99 21.36 8.73
CA ARG B 292 -16.71 22.58 7.98
C ARG B 292 -17.26 22.48 6.57
N ILE B 293 -17.18 21.30 5.95
CA ILE B 293 -17.76 21.13 4.62
C ILE B 293 -19.27 21.37 4.70
N LYS B 294 -19.93 20.79 5.69
CA LYS B 294 -21.37 20.99 5.83
C LYS B 294 -21.70 22.46 5.98
N LYS B 295 -20.96 23.18 6.81
CA LYS B 295 -21.22 24.61 7.01
C LYS B 295 -20.99 25.40 5.73
N THR B 296 -19.94 25.06 4.98
CA THR B 296 -19.67 25.78 3.74
C THR B 296 -20.77 25.53 2.71
N LEU B 297 -21.17 24.26 2.56
CA LEU B 297 -22.22 23.96 1.59
C LEU B 297 -23.53 24.59 1.98
N THR B 298 -23.79 24.75 3.28
CA THR B 298 -25.02 25.39 3.73
C THR B 298 -25.07 26.84 3.28
N LYS B 299 -23.90 27.48 3.19
CA LYS B 299 -23.79 28.87 2.82
C LYS B 299 -23.70 29.09 1.32
N ILE B 300 -23.34 28.08 0.53
CA ILE B 300 -23.14 28.29 -0.90
C ILE B 300 -24.48 28.56 -1.57
N ASP B 301 -24.53 29.68 -2.30
CA ASP B 301 -25.66 30.26 -3.06
C ASP B 301 -26.49 31.35 -2.37
C10 M2Z C . 6.30 -27.91 -17.44
C13 M2Z C . 2.85 -29.13 -17.10
C17 M2Z C . -1.47 -29.28 -16.29
C20 M2Z C . 0.00 -26.95 -15.66
C21 M2Z C . 2.92 -26.96 -16.10
C22 M2Z C . 4.28 -26.86 -16.42
C24 M2Z C . 7.08 -27.57 -15.07
C26 M2Z C . 12.08 -27.33 -15.48
C28 M2Z C . 13.02 -25.23 -16.12
C01 M2Z C . 10.07 -31.13 -13.31
C03 M2Z C . 11.07 -29.29 -14.47
C04 M2Z C . 9.94 -29.07 -15.29
C05 M2Z C . 9.87 -27.96 -16.18
C06 M2Z C . 8.68 -27.92 -16.99
C07 M2Z C . 8.87 -28.16 -18.36
C09 M2Z C . 6.60 -28.13 -18.78
C11 M2Z C . 4.92 -27.86 -17.09
C12 M2Z C . 4.20 -29.02 -17.39
C14 M2Z C . 2.20 -28.09 -16.42
C16 M2Z C . -0.18 -28.90 -17.00
C19 M2Z C . -1.39 -27.23 -15.08
C23 M2Z C . 7.35 -27.81 -16.52
C25 M2Z C . 10.96 -27.11 -16.29
C29 M2Z C . 12.15 -28.40 -14.58
C31 M2Z C . 13.51 -27.75 -12.73
N08 M2Z C . 7.86 -28.22 -19.21
N15 M2Z C . 0.75 -28.16 -16.11
N18 M2Z C . -2.19 -28.15 -15.81
O02 M2Z C . 11.22 -30.34 -13.56
O27 M2Z C . 13.20 -26.51 -15.52
O30 M2Z C . 13.30 -28.61 -13.82
H131 M2Z C . 2.37 -29.89 -17.34
H172 M2Z C . -2.02 -29.76 -16.89
H171 M2Z C . -1.26 -29.84 -15.55
H201 M2Z C . 0.51 -26.51 -15.00
H202 M2Z C . -0.10 -26.37 -16.40
H211 M2Z C . 2.50 -26.25 -15.67
H221 M2Z C . 4.75 -26.10 -16.14
H241 M2Z C . 6.27 -27.97 -14.84
H242 M2Z C . 7.02 -26.64 -14.91
H243 M2Z C . 7.76 -27.93 -14.55
H281 M2Z C . 13.82 -24.71 -16.00
H282 M2Z C . 12.27 -24.79 -15.70
H283 M2Z C . 12.85 -25.35 -17.06
H011 M2Z C . 10.26 -31.73 -12.61
H012 M2Z C . 9.85 -31.61 -14.09
H013 M2Z C . 9.36 -30.57 -13.06
H041 M2Z C . 9.24 -29.68 -15.26
H071 M2Z C . 9.74 -28.27 -18.68
H091 M2Z C . 5.91 -28.23 -19.39
H121 M2Z C . 4.64 -29.73 -17.80
H162 M2Z C . -0.39 -28.35 -17.75
H161 M2Z C . 0.25 -29.67 -17.31
H191 M2Z C . -1.28 -27.57 -14.21
H192 M2Z C . -1.86 -26.41 -15.03
H251 M2Z C . 10.94 -26.41 -16.90
H313 M2Z C . 13.80 -28.28 -11.97
H311 M2Z C . 12.68 -27.30 -12.52
H312 M2Z C . 14.19 -27.10 -12.95
H181 M2Z C . -2.85 -28.43 -15.31
C10 M2Z D . 3.10 -24.15 -18.43
C13 M2Z D . 0.36 -23.54 -15.95
C17 M2Z D . -4.59 -23.22 -16.40
C20 M2Z D . -2.29 -23.32 -14.69
C21 M2Z D . -0.61 -23.93 -18.10
C22 M2Z D . 0.65 -24.08 -18.66
C24 M2Z D . 4.11 -22.11 -17.30
C26 M2Z D . 8.07 -20.99 -18.98
C28 M2Z D . 7.88 -19.85 -21.03
C01 M2Z D . 8.65 -23.17 -14.80
C03 M2Z D . 8.30 -22.11 -16.92
C04 M2Z D . 7.25 -22.95 -17.24
C05 M2Z D . 6.60 -22.84 -18.48
C06 M2Z D . 5.46 -23.68 -18.77
C07 M2Z D . 5.51 -24.82 -19.58
C09 M2Z D . 3.26 -25.26 -19.28
C11 M2Z D . 1.79 -23.95 -17.88
C12 M2Z D . 1.63 -23.70 -16.50
C14 M2Z D . -0.76 -23.67 -16.75
C16 M2Z D . -3.20 -22.80 -16.90
C19 M2Z D . -3.72 -23.64 -14.24
C23 M2Z D . 4.23 -23.34 -18.18
C25 M2Z D . 7.01 -21.83 -19.34
C29 M2Z D . 8.70 -21.12 -17.78
C31 M2Z D . 11.08 -20.56 -17.71
N08 M2Z D . 4.43 -25.58 -19.81
N15 M2Z D . -2.10 -23.50 -16.16
N18 M2Z D . -4.69 -22.96 -15.01
O02 M2Z D . 9.00 -22.15 -15.71
O27 M2Z D . 8.56 -19.99 -19.81
O30 M2Z D . 9.74 -20.23 -17.42
H131 M2Z D . 0.27 -23.35 -15.03
H172 M2Z D . -5.24 -22.74 -16.87
H171 M2Z D . -4.70 -24.14 -16.55
H201 M2Z D . -1.69 -23.88 -14.25
H202 M2Z D . -2.09 -22.43 -14.48
H211 M2Z D . -1.37 -24.01 -18.63
H221 M2Z D . 0.73 -24.26 -19.57
H241 M2Z D . 4.24 -22.35 -16.41
H242 M2Z D . 3.26 -21.74 -17.41
H243 M2Z D . 4.76 -21.48 -17.55
H281 M2Z D . 8.24 -19.09 -21.51
H282 M2Z D . 6.94 -19.71 -20.86
H283 M2Z D . 8.01 -20.66 -21.55
H011 M2Z D . 9.01 -22.97 -13.96
H012 M2Z D . 9.01 -23.98 -15.10
H013 M2Z D . 7.72 -23.24 -14.74
H041 M2Z D . 6.97 -23.59 -16.63
H071 M2Z D . 6.33 -25.05 -19.98
H091 M2Z D . 2.52 -25.79 -19.46
H121 M2Z D . 2.39 -23.62 -15.96
H162 M2Z D . -3.10 -21.88 -16.79
H161 M2Z D . -3.13 -23.01 -17.81
H191 M2Z D . -3.86 -24.58 -14.32
H192 M2Z D . -3.80 -23.40 -13.34
H251 M2Z D . 6.58 -21.73 -20.16
H313 M2Z D . 11.11 -21.22 -18.41
H311 M2Z D . 11.51 -20.91 -16.91
H312 M2Z D . 11.55 -19.75 -18.01
H181 M2Z D . -5.49 -23.19 -14.73
C10 M2Z E . 23.61 -12.57 -12.44
C13 M2Z E . 26.95 -10.89 -12.30
C17 M2Z E . 31.02 -9.65 -13.36
C20 M2Z E . 29.42 -11.19 -15.13
C21 M2Z E . 26.59 -11.68 -14.54
C22 M2Z E . 25.32 -12.20 -14.15
C24 M2Z E . 24.53 -13.55 -10.28
C26 M2Z E . 20.90 -16.24 -8.43
C28 M2Z E . 20.08 -18.16 -9.53
C01 M2Z E . 22.78 -12.62 -5.97
C03 M2Z E . 21.81 -14.37 -7.24
C04 M2Z E . 22.08 -13.76 -8.46
C05 M2Z E . 21.77 -14.39 -9.68
C06 M2Z E . 22.09 -13.69 -10.90
C07 M2Z E . 21.07 -13.44 -11.82
C09 M2Z E . 22.51 -12.37 -13.26
C11 M2Z E . 24.90 -12.05 -12.83
C12 M2Z E . 25.72 -11.41 -11.92
C14 M2Z E . 27.39 -11.04 -13.61
C16 M2Z E . 29.73 -10.36 -12.91
C19 M2Z E . 30.69 -10.48 -15.59
C23 M2Z E . 23.40 -13.26 -11.22
C25 M2Z E . 21.19 -15.64 -9.65
C29 M2Z E . 21.24 -15.63 -7.25
C31 M2Z E . 19.67 -16.15 -5.55
N08 M2Z E . 21.27 -12.77 -12.95
N15 M2Z E . 28.72 -10.49 -14.00
N18 M2Z E . 31.61 -10.20 -14.54
O02 M2Z E . 22.07 -13.86 -5.97
O27 M2Z E . 20.32 -17.49 -8.30
O30 M2Z E . 20.98 -16.24 -6.02
H131 M2Z E . 27.49 -10.45 -11.68
H172 M2Z E . 30.83 -8.75 -13.51
H171 M2Z E . 31.65 -9.71 -12.66
H201 M2Z E . 29.64 -12.06 -14.85
H202 M2Z E . 28.83 -11.24 -15.86
H211 M2Z E . 26.88 -11.77 -15.42
H221 M2Z E . 24.79 -12.64 -14.76
H241 M2Z E . 25.31 -13.73 -10.78
H242 M2Z E . 24.32 -14.30 -9.75
H243 M2Z E . 24.67 -12.80 -9.72
H281 M2Z E . 19.81 -19.08 -9.33
H282 M2Z E . 20.87 -18.15 -10.06
H283 M2Z E . 19.36 -17.72 -9.99
H011 M2Z E . 22.98 -12.38 -5.08
H012 M2Z E . 22.25 -11.96 -6.36
H013 M2Z E . 23.57 -12.72 -6.46
H041 M2Z E . 22.46 -12.91 -8.48
H071 M2Z E . 20.22 -13.76 -11.64
H091 M2Z E . 22.63 -11.94 -14.07
H121 M2Z E . 25.43 -11.31 -11.04
H162 M2Z E . 29.36 -9.85 -12.21
H161 M2Z E . 29.95 -11.21 -12.60
H191 M2Z E . 31.13 -11.03 -16.21
H192 M2Z E . 30.45 -9.67 -16.00
H251 M2Z E . 20.99 -16.08 -10.45
H313 M2Z E . 19.33 -15.26 -5.69
H311 M2Z E . 19.66 -16.36 -4.60
H312 M2Z E . 19.11 -16.79 -6.02
H181 M2Z E . 32.02 -10.93 -14.32
S SO4 F . 16.56 -7.61 -17.89
O1 SO4 F . 16.18 -6.28 -18.33
O2 SO4 F . 15.42 -8.22 -17.23
O3 SO4 F . 17.71 -7.55 -17.00
O4 SO4 F . 16.97 -8.37 -19.07
C1 EDO G . 33.30 6.69 8.82
O1 EDO G . 34.68 6.87 8.51
C2 EDO G . 32.97 5.20 8.75
O2 EDO G . 33.15 4.68 7.42
H11 EDO G . 32.68 7.24 8.11
H12 EDO G . 33.08 7.08 9.82
HO1 EDO G . 34.96 7.75 8.81
H21 EDO G . 31.93 5.04 9.07
H22 EDO G . 33.62 4.65 9.44
HO2 EDO G . 33.66 3.86 7.46
C1 EDO H . 11.52 -9.99 -11.68
O1 EDO H . 11.09 -10.36 -13.02
C2 EDO H . 13.03 -9.79 -11.74
O2 EDO H . 13.67 -10.98 -12.23
H11 EDO H . 11.27 -10.79 -10.97
H12 EDO H . 11.03 -9.08 -11.36
HO1 EDO H . 10.31 -10.92 -12.96
H21 EDO H . 13.41 -9.56 -10.74
H22 EDO H . 13.27 -8.95 -12.39
HO2 EDO H . 13.02 -11.70 -12.25
C1 EDO I . 37.80 -3.00 3.01
O1 EDO I . 37.03 -2.42 4.07
C2 EDO I . 38.59 -1.98 2.19
O2 EDO I . 39.46 -1.14 2.99
H11 EDO I . 37.12 -3.54 2.34
H12 EDO I . 38.50 -3.72 3.43
HO1 EDO I . 36.87 -3.09 4.74
H21 EDO I . 37.88 -1.33 1.66
H22 EDO I . 39.19 -2.51 1.45
HO2 EDO I . 40.10 -1.68 3.46
C1 EDO J . 14.10 -24.43 5.72
O1 EDO J . 13.37 -23.18 5.75
C2 EDO J . 15.49 -24.23 6.30
O2 EDO J . 15.39 -23.70 7.63
H11 EDO J . 14.17 -24.78 4.68
H12 EDO J . 13.55 -25.19 6.29
HO1 EDO J . 12.47 -23.32 5.45
H21 EDO J . 16.06 -23.54 5.67
H22 EDO J . 16.02 -25.18 6.32
HO2 EDO J . 15.28 -24.44 8.26
N NH4 K . 18.51 -19.17 9.99
HN1 NH4 K . 19.06 -18.48 10.44
HN2 NH4 K . 17.57 -18.97 10.18
HN3 NH4 K . 18.67 -19.10 9.03
HN4 NH4 K . 18.74 -20.04 10.33
C1 EDO L . 37.05 7.47 -1.39
O1 EDO L . 36.17 8.60 -1.33
C2 EDO L . 38.39 7.84 -0.76
O2 EDO L . 38.24 8.16 0.63
H11 EDO L . 37.19 7.18 -2.43
H12 EDO L . 36.61 6.62 -0.86
HO1 EDO L . 35.37 8.35 -0.85
H21 EDO L . 38.81 8.70 -1.27
H22 EDO L . 39.09 7.01 -0.86
HO2 EDO L . 39.10 8.27 1.03
S SO4 M . 34.80 15.50 2.10
O1 SO4 M . 33.72 16.22 2.72
O2 SO4 M . 34.83 15.80 0.68
O3 SO4 M . 36.13 15.80 2.68
O4 SO4 M . 34.58 14.08 2.30
C10 M2Z N . -30.65 -0.20 -3.90
C13 M2Z N . -29.42 0.17 -7.40
C17 M2Z N . -28.67 -0.72 -11.54
C20 M2Z N . -31.27 -1.00 -10.44
C21 M2Z N . -31.73 -0.54 -7.52
C22 M2Z N . -31.79 -0.56 -6.09
C24 M2Z N . -28.36 -1.37 -3.71
C26 M2Z N . -27.86 -2.46 1.02
C28 M2Z N . -29.38 -3.95 2.12
C01 M2Z N . -24.64 0.34 -1.16
C03 M2Z N . -26.27 -1.05 -0.13
C04 M2Z N . -27.29 -0.61 -0.97
C05 M2Z N . -28.60 -1.10 -0.81
C06 M2Z N . -29.67 -0.63 -1.70
C07 M2Z N . -30.81 -0.05 -1.13
C09 M2Z N . -31.71 0.37 -3.23
C11 M2Z N . -30.65 -0.22 -5.35
C12 M2Z N . -29.49 0.15 -6.01
C14 M2Z N . -30.53 -0.18 -8.14
C16 M2Z N . -28.97 -0.36 -10.08
C19 M2Z N . -31.04 -0.80 -11.94
C23 M2Z N . -29.57 -0.73 -3.10
C25 M2Z N . -28.88 -2.03 0.19
C29 M2Z N . -26.58 -2.00 0.84
C31 M2Z N . -25.49 -1.80 2.92
N08 M2Z N . -31.79 0.46 -1.91
N15 M2Z N . -30.38 -0.14 -9.62
N18 M2Z N . -29.73 -1.05 -12.39
O02 M2Z N . -24.94 -0.64 -0.18
O27 M2Z N . -28.10 -3.40 2.04
O30 M2Z N . -25.53 -2.44 1.67
H131 M2Z N . -28.64 0.42 -7.83
H172 M2Z N . -28.22 0.02 -11.92
H171 M2Z N . -28.08 -1.45 -11.51
H201 M2Z N . -31.10 -1.90 -10.23
H202 M2Z N . -32.16 -0.80 -10.24
H211 M2Z N . -32.47 -0.75 -8.02
H221 M2Z N . -32.57 -0.80 -5.66
H241 M2Z N . -27.73 -0.71 -3.93
H242 M2Z N . -28.61 -1.84 -4.47
H243 M2Z N . -27.98 -1.96 -3.08
H281 M2Z N . -29.38 -4.69 2.74
H282 M2Z N . -29.65 -4.26 1.24
H283 M2Z N . -30.01 -3.27 2.42
H011 M2Z N . -23.72 0.44 -1.24
H012 M2Z N . -25.03 1.16 -0.91
H013 M2Z N . -25.00 0.07 -1.99
H041 M2Z N . -27.10 -0.01 -1.65
H071 M2Z N . -30.90 -0.02 -0.20
H091 M2Z N . -32.42 0.71 -3.74
H121 M2Z N . -28.73 0.38 -5.52
H162 M2Z N . -28.49 0.44 -9.89
H161 M2Z N . -28.62 -1.05 -9.56
H191 M2Z N . -31.63 -1.38 -12.39
H192 M2Z N . -31.27 0.09 -12.15
H251 M2Z N . -29.74 -2.35 0.30
H313 M2Z N . -26.38 -1.63 3.23
H311 M2Z N . -25.00 -0.96 2.83
H312 M2Z N . -25.03 -2.37 3.56
H181 M2Z N . -29.62 -0.59 -13.13
S SO4 O . -37.26 7.01 -0.78
O1 SO4 O . -37.66 8.41 -0.94
O2 SO4 O . -38.33 6.15 -1.24
O3 SO4 O . -36.06 6.70 -1.52
O4 SO4 O . -37.02 6.72 0.64
S DMS P . -12.25 -2.60 -5.94
O DMS P . -11.49 -3.63 -6.72
C1 DMS P . -11.38 -2.09 -4.46
C2 DMS P . -12.37 -1.16 -6.99
H11 DMS P . -10.44 -2.58 -4.41
H12 DMS P . -11.95 -2.35 -3.60
H13 DMS P . -11.24 -1.04 -4.47
H21 DMS P . -11.57 -1.15 -7.69
H22 DMS P . -12.33 -0.28 -6.40
H23 DMS P . -13.28 -1.19 -7.52
C1 EDO Q . -13.67 1.05 -12.02
O1 EDO Q . -13.51 0.27 -10.81
C2 EDO Q . -13.78 0.22 -13.30
O2 EDO Q . -12.94 0.75 -14.33
H11 EDO Q . -12.81 1.71 -12.10
H12 EDO Q . -14.56 1.66 -11.92
HO1 EDO Q . -13.49 0.85 -10.04
H21 EDO Q . -14.82 0.23 -13.64
H22 EDO Q . -13.49 -0.81 -13.10
HO2 EDO Q . -13.35 1.54 -14.70
C1 EDO R . 0.09 18.68 0.07
O1 EDO R . -0.49 19.00 1.33
C2 EDO R . -0.89 18.95 -1.07
O2 EDO R . -0.70 20.28 -1.56
H11 EDO R . 0.39 17.62 0.06
H12 EDO R . 1.00 19.28 -0.07
HO1 EDO R . -1.37 19.37 1.20
H21 EDO R . -1.92 18.83 -0.70
H22 EDO R . -0.75 18.23 -1.87
HO2 EDO R . -0.99 20.92 -0.90
S SO4 S . -24.18 35.41 -28.04
O1 SO4 S . -25.28 36.10 -27.37
O2 SO4 S . -22.92 36.15 -27.99
O3 SO4 S . -23.96 34.16 -27.34
O4 SO4 S . -24.54 35.10 -29.43
S SO4 T . 1.13 10.08 6.04
O1 SO4 T . 0.49 11.36 5.73
O2 SO4 T . 1.64 10.01 7.41
O3 SO4 T . 0.15 9.02 5.93
O4 SO4 T . 2.20 9.91 5.08
#